data_8ZNS
#
_entry.id   8ZNS
#
_cell.length_a   124.970
_cell.length_b   73.330
_cell.length_c   104.420
_cell.angle_alpha   90.000
_cell.angle_beta   99.750
_cell.angle_gamma   90.000
#
_symmetry.space_group_name_H-M   'C 1 2 1'
#
loop_
_entity.id
_entity.type
_entity.pdbx_description
1 polymer 'CRISPR-associated endonuclease Cas3-HD'
2 non-polymer 'FE (III) ION'
3 water water
#
_entity_poly.entity_id   1
_entity_poly.type   'polypeptide(L)'
_entity_poly.pdbx_seq_one_letter_code
;MNFDYIAHARQDSSKNWHSHPLQKHLQKVAQLAKRFAGRYGSLFAEYAGLLHDLGKFQESFQKYIRNASGFEKENAHLED
VESTKLRKIPHSTAGAKYAVERLNPFFGHLLAYLIAGHHAGLADWYDKGSLKRRLQQADDELAASLSGFVESSLPEDFFP
LSDDDLMRDFFAFWEDGAKLEELHIWMRFLFSCLVDADFLDTEAFMNGYADADTAQAAGLRPKFPGLDELHRRYEQYMAQ
LSEKADKNSSLNQERHAILQQCFSAAETDRTLFSLTVPTGGGKTLASLGFALKHALKFGKKRIIYAIPFTSIIEQNANVF
RNALGDDVVLEHHSNLEVKEDKETAKTRLATENWDAPLIVTTNVQLFESLFAAKTSRCRKIHNIADSVVILDEAQQLPRD
FQKPITDMMRVLARDYGVTFVLCTATQPELGKNIDAFGRTILEGLPDVREIVADKIALSEKLRRVRIKMPPPNGETQSWQ
KIADEIAARPCVLAVVNTRKHAQKLFAALPSNGIKLHLSANMCATHCSEVIALVRRYLALYRAGSLHKPLWLVSTQLIEA
GVDLDFPCVYRAMAGLDSIAQAAGRCNREGKLPQLGEVVVFRAEEGAPSGSLKQGQDITEEMLKAGLLDDPLSPLAFAEY
FRRFNGKGDVDKHGITTLLTAEASNENPLAIKFRTAAERFHLIDNQGVALIVPFIPLAHWEKDGSPQIVEANELDDFFRR
HLDGVEVSEWQDILDKQRFPQPPDNSFGQTDQPLLPEPFESWFGLLESDPLKHKWVYRKLQRYTITVYEHELKKLPEHAV
FSRAGLLVLDKGYYKAVLGADFDDAAWLPENSVLGGSVGPKKKRKVLEHHHHHH
;
_entity_poly.pdbx_strand_id   A
#
loop_
_chem_comp.id
_chem_comp.type
_chem_comp.name
_chem_comp.formula
FE non-polymer 'FE (III) ION' 'Fe 3'
#
# COMPACT_ATOMS: atom_id res chain seq x y z
N ASP A 4 -40.87 6.31 13.37
CA ASP A 4 -39.77 6.97 14.05
C ASP A 4 -38.59 7.12 13.08
N TYR A 5 -37.59 7.90 13.48
CA TYR A 5 -36.56 8.37 12.57
C TYR A 5 -35.54 7.27 12.26
N ILE A 6 -35.25 7.08 10.97
CA ILE A 6 -34.29 6.07 10.55
C ILE A 6 -33.13 6.71 9.79
N ALA A 7 -32.00 6.00 9.79
CA ALA A 7 -30.74 6.42 9.17
C ALA A 7 -30.49 5.76 7.83
N HIS A 8 -30.95 4.51 7.66
CA HIS A 8 -30.75 3.74 6.44
C HIS A 8 -31.93 2.80 6.22
N ALA A 9 -32.11 2.38 4.98
CA ALA A 9 -33.08 1.33 4.69
C ALA A 9 -32.48 0.40 3.64
N ARG A 10 -32.84 -0.88 3.74
CA ARG A 10 -32.31 -1.89 2.85
C ARG A 10 -33.42 -2.88 2.50
N GLN A 11 -33.22 -3.59 1.40
CA GLN A 11 -34.17 -4.61 0.98
C GLN A 11 -33.43 -5.92 0.85
N ASP A 12 -33.91 -6.95 1.55
CA ASP A 12 -33.27 -8.27 1.51
C ASP A 12 -33.72 -9.03 0.26
N SER A 13 -33.04 -10.15 -0.01
CA SER A 13 -33.29 -10.90 -1.24
C SER A 13 -34.70 -11.48 -1.32
N SER A 14 -35.42 -11.60 -0.20
CA SER A 14 -36.83 -11.98 -0.26
C SER A 14 -37.73 -10.79 -0.47
N LYS A 15 -37.14 -9.61 -0.74
CA LYS A 15 -37.80 -8.35 -1.08
C LYS A 15 -38.47 -7.67 0.12
N ASN A 16 -38.11 -8.03 1.34
CA ASN A 16 -38.59 -7.29 2.51
C ASN A 16 -37.66 -6.14 2.86
N TRP A 17 -38.24 -5.12 3.50
CA TRP A 17 -37.52 -3.89 3.81
C TRP A 17 -37.16 -3.85 5.29
N HIS A 18 -35.91 -3.48 5.60
CA HIS A 18 -35.48 -3.26 6.97
C HIS A 18 -34.92 -1.86 7.10
N SER A 19 -35.05 -1.26 8.29
CA SER A 19 -34.58 0.08 8.53
C SER A 19 -33.73 0.16 9.79
N HIS A 20 -32.78 1.12 9.80
CA HIS A 20 -31.79 1.34 10.84
C HIS A 20 -32.21 2.52 11.71
N PRO A 21 -32.55 2.34 12.99
CA PRO A 21 -33.04 3.47 13.80
C PRO A 21 -31.99 4.56 14.01
N LEU A 22 -32.38 5.82 13.76
CA LEU A 22 -31.42 6.92 13.71
C LEU A 22 -30.77 7.17 15.08
N GLN A 23 -31.57 7.22 16.14
CA GLN A 23 -31.02 7.48 17.47
C GLN A 23 -29.95 6.46 17.81
N LYS A 24 -30.25 5.18 17.56
CA LYS A 24 -29.33 4.11 17.90
C LYS A 24 -28.02 4.26 17.14
N HIS A 25 -28.13 4.56 15.84
CA HIS A 25 -26.95 4.68 14.99
C HIS A 25 -26.08 5.85 15.45
N LEU A 26 -26.69 6.99 15.80
CA LEU A 26 -25.91 8.11 16.29
C LEU A 26 -25.18 7.74 17.57
N GLN A 27 -25.83 7.01 18.48
CA GLN A 27 -25.15 6.68 19.72
C GLN A 27 -24.04 5.67 19.49
N LYS A 28 -24.28 4.69 18.62
CA LYS A 28 -23.30 3.65 18.38
C LYS A 28 -22.09 4.22 17.64
N VAL A 29 -22.34 5.09 16.67
CA VAL A 29 -21.24 5.68 15.92
C VAL A 29 -20.42 6.59 16.82
N ALA A 30 -21.10 7.34 17.71
CA ALA A 30 -20.37 8.16 18.70
C ALA A 30 -19.47 7.30 19.58
N GLN A 31 -20.02 6.23 20.14
CA GLN A 31 -19.25 5.38 21.06
C GLN A 31 -18.11 4.67 20.36
N LEU A 32 -18.34 4.14 19.16
CA LEU A 32 -17.29 3.38 18.48
C LEU A 32 -16.20 4.33 18.00
N ALA A 33 -16.57 5.54 17.57
CA ALA A 33 -15.56 6.53 17.18
C ALA A 33 -14.73 6.97 18.37
N LYS A 34 -15.38 7.20 19.52
CA LYS A 34 -14.64 7.54 20.73
C LYS A 34 -13.70 6.40 21.12
N ARG A 35 -14.14 5.15 20.93
CA ARG A 35 -13.27 4.02 21.23
C ARG A 35 -12.05 4.00 20.31
N PHE A 36 -12.26 4.23 19.01
CA PHE A 36 -11.12 4.23 18.08
C PHE A 36 -10.16 5.36 18.41
N ALA A 37 -10.69 6.53 18.80
CA ALA A 37 -9.81 7.69 19.02
C ALA A 37 -9.00 7.58 20.31
N GLY A 38 -9.38 6.71 21.24
CA GLY A 38 -8.53 6.36 22.37
C GLY A 38 -8.11 7.56 23.20
N ARG A 39 -6.80 7.66 23.42
CA ARG A 39 -6.19 8.72 24.19
C ARG A 39 -5.92 9.97 23.35
N TYR A 40 -6.27 9.95 22.05
CA TYR A 40 -5.97 11.07 21.15
C TYR A 40 -7.13 12.05 21.04
N GLY A 41 -7.66 12.52 22.18
CA GLY A 41 -8.75 13.48 22.18
C GLY A 41 -10.07 12.88 21.72
N SER A 42 -10.51 11.83 22.41
CA SER A 42 -11.62 11.03 21.92
C SER A 42 -12.95 11.78 21.98
N LEU A 43 -13.09 12.76 22.87
CA LEU A 43 -14.34 13.50 22.94
C LEU A 43 -14.66 14.17 21.62
N PHE A 44 -13.64 14.66 20.90
CA PHE A 44 -13.88 15.22 19.58
C PHE A 44 -14.48 14.19 18.64
N ALA A 45 -13.97 12.96 18.67
CA ALA A 45 -14.53 11.92 17.82
C ALA A 45 -15.95 11.57 18.24
N GLU A 46 -16.21 11.54 19.56
CA GLU A 46 -17.53 11.21 20.04
C GLU A 46 -18.55 12.22 19.54
N TYR A 47 -18.25 13.50 19.75
CA TYR A 47 -19.11 14.57 19.24
C TYR A 47 -19.32 14.43 17.75
N ALA A 48 -18.25 14.13 17.00
CA ALA A 48 -18.43 14.02 15.55
C ALA A 48 -19.35 12.86 15.20
N GLY A 49 -19.22 11.74 15.91
CA GLY A 49 -20.11 10.60 15.64
C GLY A 49 -21.55 10.92 16.01
N LEU A 50 -21.75 11.63 17.11
CA LEU A 50 -23.08 11.97 17.57
C LEU A 50 -23.77 12.91 16.59
N LEU A 51 -23.03 13.87 16.04
CA LEU A 51 -23.59 14.92 15.18
C LEU A 51 -23.63 14.58 13.70
N HIS A 52 -22.87 13.56 13.25
CA HIS A 52 -22.64 13.42 11.81
C HIS A 52 -23.95 13.30 11.03
N ASP A 53 -24.91 12.51 11.53
CA ASP A 53 -26.19 12.33 10.83
C ASP A 53 -27.32 13.16 11.44
N LEU A 54 -27.01 14.31 12.04
CA LEU A 54 -28.08 15.14 12.63
C LEU A 54 -29.09 15.57 11.55
N GLY A 55 -28.60 15.82 10.34
CA GLY A 55 -29.47 16.26 9.27
C GLY A 55 -30.49 15.22 8.81
N LYS A 56 -30.36 13.96 9.23
CA LYS A 56 -31.41 13.05 8.82
C LYS A 56 -32.69 13.24 9.64
N PHE A 57 -32.66 14.09 10.68
CA PHE A 57 -33.92 14.43 11.35
C PHE A 57 -34.82 15.34 10.53
N GLN A 58 -34.37 15.85 9.38
CA GLN A 58 -35.28 16.60 8.54
C GLN A 58 -36.44 15.71 8.13
N GLU A 59 -37.66 16.24 8.27
CA GLU A 59 -38.83 15.54 7.74
C GLU A 59 -38.66 15.20 6.27
N SER A 60 -38.06 16.11 5.48
CA SER A 60 -37.86 15.80 4.07
C SER A 60 -37.01 14.54 3.91
N PHE A 61 -35.99 14.37 4.76
CA PHE A 61 -35.16 13.16 4.65
C PHE A 61 -35.98 11.91 4.93
N GLN A 62 -36.72 11.90 6.04
CA GLN A 62 -37.46 10.69 6.40
C GLN A 62 -38.51 10.38 5.33
N LYS A 63 -39.14 11.43 4.79
CA LYS A 63 -40.10 11.24 3.71
C LYS A 63 -39.44 10.61 2.50
N TYR A 64 -38.24 11.08 2.14
CA TYR A 64 -37.51 10.51 1.01
C TYR A 64 -37.19 9.03 1.24
N ILE A 65 -36.66 8.70 2.42
CA ILE A 65 -36.23 7.33 2.64
C ILE A 65 -37.43 6.39 2.72
N ARG A 66 -38.64 6.91 2.98
CA ARG A 66 -39.83 6.06 2.98
C ARG A 66 -40.62 6.03 1.67
N ASN A 67 -40.47 7.02 0.77
CA ASN A 67 -41.37 7.16 -0.38
C ASN A 67 -40.73 7.05 -1.75
N ALA A 68 -39.42 7.00 -1.84
CA ALA A 68 -38.79 7.03 -3.16
C ALA A 68 -38.75 5.62 -3.73
N SER A 69 -38.20 5.51 -4.93
CA SER A 69 -38.01 4.20 -5.55
C SER A 69 -37.15 3.30 -4.66
N GLY A 70 -37.13 2.00 -4.97
CA GLY A 70 -36.33 1.07 -4.19
C GLY A 70 -34.85 1.41 -4.18
N PHE A 71 -34.30 1.70 -5.36
CA PHE A 71 -32.88 2.05 -5.46
C PHE A 71 -32.56 3.37 -4.77
N GLU A 72 -33.39 4.40 -4.98
CA GLU A 72 -33.16 5.67 -4.29
C GLU A 72 -33.37 5.56 -2.79
N LYS A 73 -34.32 4.71 -2.35
CA LYS A 73 -34.48 4.53 -0.92
C LYS A 73 -33.26 3.85 -0.32
N GLU A 74 -32.73 2.84 -1.01
CA GLU A 74 -31.51 2.18 -0.52
C GLU A 74 -30.29 3.09 -0.57
N ASN A 75 -30.31 4.13 -1.40
CA ASN A 75 -29.16 5.04 -1.52
C ASN A 75 -29.52 6.45 -1.08
N ALA A 76 -30.53 6.60 -0.24
CA ALA A 76 -30.99 7.92 0.15
C ALA A 76 -29.98 8.68 1.00
N HIS A 77 -29.06 7.98 1.67
CA HIS A 77 -28.07 8.66 2.48
C HIS A 77 -26.84 9.10 1.67
N LEU A 78 -26.70 8.66 0.42
CA LEU A 78 -25.53 9.04 -0.39
C LEU A 78 -25.78 10.40 -1.03
N GLU A 79 -25.50 11.48 -0.27
CA GLU A 79 -25.75 12.85 -0.74
C GLU A 79 -24.93 13.23 -1.97
N ASP A 80 -23.82 12.53 -2.24
CA ASP A 80 -22.92 12.77 -3.40
C ASP A 80 -22.38 14.20 -3.44
N ARG A 87 -32.76 14.89 -6.96
CA ARG A 87 -31.66 15.25 -6.08
C ARG A 87 -31.87 14.64 -4.71
N LYS A 88 -30.78 14.23 -4.07
CA LYS A 88 -30.84 13.77 -2.70
C LYS A 88 -31.05 14.95 -1.75
N ILE A 89 -31.51 14.65 -0.55
CA ILE A 89 -31.67 15.64 0.49
C ILE A 89 -30.35 15.69 1.28
N PRO A 90 -29.59 16.78 1.20
CA PRO A 90 -28.34 16.86 1.96
C PRO A 90 -28.62 16.75 3.44
N HIS A 91 -27.73 16.04 4.13
CA HIS A 91 -27.86 15.85 5.57
C HIS A 91 -26.57 16.05 6.36
N SER A 92 -25.39 16.08 5.71
CA SER A 92 -24.14 16.12 6.49
C SER A 92 -23.86 17.48 7.09
N THR A 93 -24.42 18.55 6.55
CA THR A 93 -23.92 19.83 7.01
C THR A 93 -24.74 20.43 8.14
N ALA A 94 -25.90 19.83 8.46
CA ALA A 94 -26.66 20.29 9.63
C ALA A 94 -25.83 20.16 10.91
N GLY A 95 -25.22 18.99 11.13
CA GLY A 95 -24.44 18.79 12.34
C GLY A 95 -23.19 19.65 12.39
N ALA A 96 -22.61 19.92 11.22
CA ALA A 96 -21.48 20.85 11.15
C ALA A 96 -21.90 22.24 11.62
N LYS A 97 -23.02 22.73 11.08
CA LYS A 97 -23.49 24.06 11.46
C LYS A 97 -23.83 24.11 12.94
N TYR A 98 -24.47 23.05 13.45
CA TYR A 98 -24.80 23.00 14.86
C TYR A 98 -23.54 23.09 15.72
N ALA A 99 -22.49 22.35 15.37
CA ALA A 99 -21.22 22.44 16.07
C ALA A 99 -20.68 23.88 16.06
N VAL A 100 -20.67 24.51 14.89
CA VAL A 100 -20.15 25.88 14.82
C VAL A 100 -20.94 26.81 15.75
N GLU A 101 -22.27 26.63 15.80
CA GLU A 101 -23.10 27.56 16.56
C GLU A 101 -22.99 27.35 18.07
N ARG A 102 -22.87 26.11 18.52
CA ARG A 102 -22.92 25.83 19.94
C ARG A 102 -21.55 25.74 20.60
N LEU A 103 -20.47 25.84 19.85
CA LEU A 103 -19.13 25.75 20.42
C LEU A 103 -18.35 26.99 20.03
N ASN A 104 -17.16 27.14 20.62
CA ASN A 104 -16.31 28.26 20.27
C ASN A 104 -15.82 28.14 18.82
N PRO A 105 -15.28 29.23 18.25
CA PRO A 105 -14.97 29.22 16.80
C PRO A 105 -14.03 28.10 16.37
N PHE A 106 -12.98 27.85 17.16
CA PHE A 106 -11.95 26.89 16.74
C PHE A 106 -12.48 25.47 16.80
N PHE A 107 -12.99 25.04 17.97
CA PHE A 107 -13.50 23.68 18.10
C PHE A 107 -14.68 23.45 17.15
N GLY A 108 -15.56 24.46 17.02
CA GLY A 108 -16.74 24.29 16.20
C GLY A 108 -16.40 24.10 14.75
N HIS A 109 -15.47 24.92 14.21
CA HIS A 109 -15.11 24.75 12.81
C HIS A 109 -14.28 23.48 12.59
N LEU A 110 -13.46 23.10 13.58
CA LEU A 110 -12.74 21.84 13.48
C LEU A 110 -13.72 20.68 13.28
N LEU A 111 -14.73 20.59 14.14
CA LEU A 111 -15.71 19.52 14.00
C LEU A 111 -16.48 19.64 12.70
N ALA A 112 -16.80 20.86 12.29
CA ALA A 112 -17.54 21.02 11.04
C ALA A 112 -16.80 20.36 9.89
N TYR A 113 -15.45 20.43 9.86
CA TYR A 113 -14.72 19.79 8.75
C TYR A 113 -15.04 18.30 8.69
N LEU A 114 -14.99 17.61 9.84
CA LEU A 114 -15.20 16.16 9.87
C LEU A 114 -16.63 15.81 9.52
N ILE A 115 -17.59 16.54 10.11
CA ILE A 115 -18.99 16.19 9.95
C ILE A 115 -19.44 16.44 8.52
N ALA A 116 -19.05 17.58 7.97
CA ALA A 116 -19.51 17.91 6.62
C ALA A 116 -18.78 17.12 5.56
N GLY A 117 -17.63 16.55 5.89
CA GLY A 117 -16.92 15.74 4.92
C GLY A 117 -17.22 14.26 4.97
N HIS A 118 -18.15 13.82 5.83
CA HIS A 118 -18.28 12.38 6.07
C HIS A 118 -18.89 11.64 4.87
N HIS A 119 -19.42 12.34 3.87
CA HIS A 119 -19.65 11.73 2.56
C HIS A 119 -18.70 12.23 1.48
N ALA A 120 -18.57 13.54 1.30
CA ALA A 120 -17.85 14.07 0.14
C ALA A 120 -16.34 14.05 0.29
N GLY A 121 -15.84 13.77 1.48
CA GLY A 121 -14.43 13.93 1.75
C GLY A 121 -14.16 15.29 2.40
N LEU A 122 -13.07 15.37 3.15
CA LEU A 122 -12.64 16.62 3.75
C LEU A 122 -12.42 17.67 2.65
N ALA A 123 -12.91 18.90 2.87
CA ALA A 123 -12.83 19.95 1.86
C ALA A 123 -11.78 21.00 2.17
N ASP A 124 -11.52 21.87 1.18
CA ASP A 124 -10.86 23.14 1.47
C ASP A 124 -11.82 24.05 2.19
N TRP A 125 -11.28 25.08 2.85
CA TRP A 125 -12.14 26.10 3.44
C TRP A 125 -12.69 27.04 2.37
N TYR A 126 -11.80 27.69 1.64
CA TYR A 126 -12.21 28.65 0.61
C TYR A 126 -12.51 27.97 -0.71
N ASP A 127 -11.71 26.98 -1.11
CA ASP A 127 -11.76 26.56 -2.51
C ASP A 127 -12.56 25.30 -2.85
N LYS A 128 -11.94 24.12 -2.78
CA LYS A 128 -12.55 22.93 -3.36
C LYS A 128 -13.53 22.33 -2.37
N GLY A 129 -14.79 22.20 -2.77
CA GLY A 129 -15.81 21.76 -1.84
C GLY A 129 -16.04 22.73 -0.70
N SER A 130 -15.80 24.01 -0.95
CA SER A 130 -15.57 25.02 0.08
C SER A 130 -16.48 24.85 1.28
N LEU A 131 -15.88 24.54 2.43
CA LEU A 131 -16.64 24.36 3.65
C LEU A 131 -17.22 25.70 4.11
N LYS A 132 -16.55 26.82 3.77
CA LYS A 132 -17.05 28.12 4.17
C LYS A 132 -18.41 28.39 3.53
N ARG A 133 -18.52 28.15 2.22
CA ARG A 133 -19.79 28.32 1.53
C ARG A 133 -20.87 27.39 2.10
N ARG A 134 -20.52 26.12 2.28
CA ARG A 134 -21.53 25.17 2.78
C ARG A 134 -22.07 25.62 4.12
N LEU A 135 -21.20 26.14 4.99
CA LEU A 135 -21.71 26.57 6.28
C LEU A 135 -22.56 27.83 6.15
N GLN A 136 -22.18 28.73 5.25
CA GLN A 136 -22.93 29.97 5.16
C GLN A 136 -24.31 29.75 4.55
N GLN A 137 -24.53 28.59 3.93
CA GLN A 137 -25.78 28.29 3.26
C GLN A 137 -26.60 27.22 4.00
N ALA A 138 -26.31 26.98 5.29
CA ALA A 138 -26.86 25.81 5.98
C ALA A 138 -27.98 26.13 6.97
N ASP A 139 -28.54 27.34 6.94
CA ASP A 139 -29.50 27.70 7.98
C ASP A 139 -30.77 26.86 7.91
N ASP A 140 -31.28 26.63 6.69
CA ASP A 140 -32.52 25.87 6.50
C ASP A 140 -32.36 24.42 6.93
N GLU A 141 -31.29 23.77 6.47
CA GLU A 141 -31.03 22.38 6.84
C GLU A 141 -30.94 22.24 8.35
N LEU A 142 -30.24 23.15 9.02
CA LEU A 142 -30.17 23.07 10.47
C LEU A 142 -31.55 23.21 11.08
N ALA A 143 -32.31 24.23 10.66
CA ALA A 143 -33.59 24.52 11.32
C ALA A 143 -34.55 23.36 11.15
N ALA A 144 -34.59 22.78 9.95
CA ALA A 144 -35.41 21.59 9.70
C ALA A 144 -34.93 20.40 10.54
N SER A 145 -33.62 20.23 10.67
CA SER A 145 -33.14 19.09 11.46
C SER A 145 -33.53 19.25 12.92
N LEU A 146 -33.45 20.47 13.43
CA LEU A 146 -33.79 20.69 14.83
C LEU A 146 -35.28 20.55 15.05
N SER A 147 -36.09 21.01 14.09
CA SER A 147 -37.52 20.73 14.11
C SER A 147 -37.75 19.24 14.30
N GLY A 148 -37.19 18.44 13.40
CA GLY A 148 -37.37 17.00 13.49
C GLY A 148 -36.92 16.45 14.82
N PHE A 149 -35.76 16.89 15.31
CA PHE A 149 -35.25 16.37 16.57
C PHE A 149 -36.19 16.71 17.73
N VAL A 150 -36.70 17.94 17.77
CA VAL A 150 -37.61 18.35 18.85
C VAL A 150 -38.90 17.55 18.79
N GLU A 151 -39.44 17.39 17.57
CA GLU A 151 -40.63 16.57 17.34
C GLU A 151 -40.44 15.13 17.83
N SER A 152 -39.21 14.63 17.82
CA SER A 152 -38.94 13.25 18.19
C SER A 152 -38.91 13.10 19.71
N SER A 153 -38.66 11.87 20.15
CA SER A 153 -38.73 11.48 21.55
C SER A 153 -37.46 11.76 22.34
N LEU A 154 -36.35 12.07 21.67
CA LEU A 154 -35.06 11.97 22.31
C LEU A 154 -34.90 13.08 23.36
N PRO A 155 -34.22 12.79 24.47
CA PRO A 155 -34.13 13.77 25.55
C PRO A 155 -33.47 15.04 25.09
N GLU A 156 -33.73 16.13 25.83
CA GLU A 156 -33.22 17.44 25.45
C GLU A 156 -31.69 17.43 25.37
N ASP A 157 -31.04 16.77 26.32
CA ASP A 157 -29.58 16.72 26.37
C ASP A 157 -29.01 15.55 25.56
N PHE A 158 -29.73 15.08 24.54
CA PHE A 158 -29.18 14.05 23.67
C PHE A 158 -27.85 14.49 23.05
N PHE A 159 -27.65 15.80 22.86
CA PHE A 159 -26.40 16.37 22.37
C PHE A 159 -25.81 17.24 23.48
N PRO A 160 -25.08 16.64 24.43
CA PRO A 160 -24.46 17.41 25.53
C PRO A 160 -23.14 18.06 25.14
N LEU A 161 -23.21 19.10 24.30
CA LEU A 161 -22.01 19.72 23.76
C LEU A 161 -21.46 20.74 24.75
N SER A 162 -20.23 20.53 25.21
CA SER A 162 -19.62 21.34 26.25
C SER A 162 -18.25 21.82 25.81
N ASP A 163 -18.08 23.14 25.73
CA ASP A 163 -16.79 23.72 25.43
C ASP A 163 -15.75 23.26 26.44
N ASP A 164 -16.09 23.28 27.73
CA ASP A 164 -15.08 23.03 28.76
C ASP A 164 -14.50 21.63 28.67
N ASP A 165 -15.36 20.63 28.45
CA ASP A 165 -14.90 19.25 28.29
C ASP A 165 -14.02 19.10 27.06
N LEU A 166 -14.41 19.75 25.96
CA LEU A 166 -13.56 19.76 24.77
C LEU A 166 -12.21 20.40 25.05
N MET A 167 -12.21 21.53 25.76
CA MET A 167 -10.97 22.16 26.19
C MET A 167 -10.05 21.17 26.90
N ARG A 168 -10.60 20.44 27.89
CA ARG A 168 -9.75 19.53 28.64
C ARG A 168 -9.21 18.42 27.75
N ASP A 169 -10.06 17.85 26.91
CA ASP A 169 -9.63 16.78 26.01
C ASP A 169 -8.57 17.29 25.04
N PHE A 170 -8.80 18.50 24.51
CA PHE A 170 -7.90 19.12 23.55
C PHE A 170 -6.53 19.33 24.15
N PHE A 171 -6.49 19.84 25.39
CA PHE A 171 -5.19 20.12 25.97
C PHE A 171 -4.52 18.86 26.48
N ALA A 172 -5.29 17.82 26.81
CA ALA A 172 -4.70 16.52 27.07
C ALA A 172 -3.92 16.00 25.87
N PHE A 173 -4.45 16.21 24.66
CA PHE A 173 -3.64 15.79 23.50
C PHE A 173 -2.57 16.82 23.13
N TRP A 174 -2.91 18.11 23.14
CA TRP A 174 -1.99 19.17 22.73
C TRP A 174 -1.46 19.86 23.99
N GLU A 175 -0.44 19.26 24.60
CA GLU A 175 0.06 19.80 25.87
C GLU A 175 0.52 21.25 25.74
N ASP A 176 0.92 21.67 24.54
CA ASP A 176 1.43 23.02 24.32
C ASP A 176 0.52 23.83 23.42
N GLY A 177 -0.72 23.41 23.27
CA GLY A 177 -1.59 24.00 22.27
C GLY A 177 -1.33 23.37 20.91
N ALA A 178 -2.23 23.68 19.98
CA ALA A 178 -2.17 23.06 18.67
C ALA A 178 -1.09 23.72 17.83
N LYS A 179 -0.32 22.90 17.12
CA LYS A 179 0.61 23.40 16.12
C LYS A 179 -0.13 23.53 14.79
N LEU A 180 -0.16 24.72 14.22
CA LEU A 180 -0.94 24.93 13.00
C LEU A 180 -0.46 24.04 11.86
N GLU A 181 0.78 23.56 11.90
CA GLU A 181 1.26 22.72 10.83
C GLU A 181 1.04 21.24 11.09
N GLU A 182 0.64 20.84 12.31
CA GLU A 182 0.38 19.45 12.65
C GLU A 182 -1.10 19.16 12.80
N LEU A 183 -1.95 20.18 12.72
CA LEU A 183 -3.37 20.05 13.00
C LEU A 183 -4.07 19.14 12.02
N HIS A 184 -3.64 19.17 10.75
CA HIS A 184 -4.30 18.35 9.75
C HIS A 184 -4.15 16.86 10.03
N ILE A 185 -3.02 16.43 10.57
CA ILE A 185 -2.84 15.00 10.87
C ILE A 185 -3.86 14.53 11.91
N TRP A 186 -4.09 15.35 12.93
CA TRP A 186 -5.06 15.04 13.98
C TRP A 186 -6.48 15.05 13.42
N MET A 187 -6.79 16.02 12.58
CA MET A 187 -8.16 16.07 12.08
C MET A 187 -8.41 14.90 11.13
N ARG A 188 -7.40 14.50 10.36
CA ARG A 188 -7.57 13.36 9.49
C ARG A 188 -7.72 12.07 10.29
N PHE A 189 -7.01 11.97 11.40
CA PHE A 189 -7.13 10.78 12.26
C PHE A 189 -8.54 10.69 12.85
N LEU A 190 -9.04 11.80 13.40
CA LEU A 190 -10.41 11.77 13.95
C LEU A 190 -11.42 11.50 12.84
N PHE A 191 -11.20 12.07 11.64
CA PHE A 191 -12.07 11.79 10.51
C PHE A 191 -12.09 10.29 10.20
N SER A 192 -10.92 9.66 10.28
CA SER A 192 -10.83 8.20 10.11
C SER A 192 -11.66 7.48 11.16
N CYS A 193 -11.56 7.90 12.42
CA CYS A 193 -12.35 7.25 13.48
C CYS A 193 -13.83 7.37 13.18
N LEU A 194 -14.27 8.56 12.77
CA LEU A 194 -15.66 8.79 12.44
C LEU A 194 -16.10 7.85 11.32
N VAL A 195 -15.37 7.86 10.21
CA VAL A 195 -15.74 7.10 9.02
C VAL A 195 -15.74 5.60 9.31
N ASP A 196 -14.67 5.09 9.95
CA ASP A 196 -14.65 3.65 10.17
C ASP A 196 -15.81 3.23 11.06
N ALA A 197 -16.11 4.01 12.10
CA ALA A 197 -17.19 3.64 13.01
C ALA A 197 -18.56 3.72 12.32
N ASP A 198 -18.77 4.77 11.52
CA ASP A 198 -20.00 4.93 10.74
C ASP A 198 -20.21 3.72 9.84
N PHE A 199 -19.20 3.41 9.03
CA PHE A 199 -19.30 2.30 8.08
C PHE A 199 -19.49 0.97 8.81
N LEU A 200 -18.76 0.74 9.89
CA LEU A 200 -18.89 -0.53 10.58
C LEU A 200 -20.29 -0.70 11.16
N ASP A 201 -20.84 0.36 11.77
CA ASP A 201 -22.20 0.26 12.29
C ASP A 201 -23.21 -0.01 11.18
N THR A 202 -23.07 0.70 10.06
CA THR A 202 -23.99 0.47 8.95
C THR A 202 -23.85 -0.95 8.42
N GLU A 203 -22.62 -1.46 8.36
CA GLU A 203 -22.46 -2.80 7.83
C GLU A 203 -23.08 -3.83 8.77
N ALA A 204 -23.00 -3.58 10.08
CA ALA A 204 -23.76 -4.38 11.05
C ALA A 204 -25.22 -4.41 10.64
N PHE A 205 -25.81 -3.23 10.39
CA PHE A 205 -27.21 -3.17 10.01
C PHE A 205 -27.47 -3.97 8.73
N MET A 206 -26.58 -3.85 7.75
CA MET A 206 -26.74 -4.55 6.49
C MET A 206 -26.79 -6.06 6.68
N ASN A 207 -26.12 -6.58 7.70
CA ASN A 207 -26.14 -8.01 7.95
C ASN A 207 -27.19 -8.42 8.98
N GLY A 208 -28.01 -7.49 9.43
CA GLY A 208 -29.04 -7.78 10.39
C GLY A 208 -28.62 -7.70 11.83
N TYR A 209 -27.37 -7.33 12.11
CA TYR A 209 -26.91 -7.24 13.49
C TYR A 209 -27.15 -5.86 14.08
N ALA A 210 -27.34 -5.81 15.40
CA ALA A 210 -27.72 -4.56 16.08
C ALA A 210 -26.63 -3.49 16.01
N ASP A 211 -25.36 -3.88 16.07
CA ASP A 211 -24.28 -2.92 16.11
C ASP A 211 -22.99 -3.66 15.71
N ALA A 212 -21.88 -2.91 15.61
CA ALA A 212 -20.62 -3.49 15.12
C ALA A 212 -20.06 -4.52 16.08
N ASP A 213 -20.12 -4.26 17.39
CA ASP A 213 -19.63 -5.27 18.33
C ASP A 213 -20.41 -6.56 18.20
N THR A 214 -21.74 -6.45 18.04
CA THR A 214 -22.58 -7.64 17.89
C THR A 214 -22.17 -8.45 16.67
N ALA A 215 -22.00 -7.78 15.52
CA ALA A 215 -21.57 -8.49 14.33
C ALA A 215 -20.19 -9.10 14.52
N GLN A 216 -19.30 -8.41 15.24
CA GLN A 216 -17.98 -8.96 15.49
C GLN A 216 -18.08 -10.26 16.28
N ALA A 217 -18.87 -10.25 17.37
CA ALA A 217 -19.04 -11.44 18.20
C ALA A 217 -19.77 -12.57 17.46
N ALA A 218 -20.57 -12.24 16.44
CA ALA A 218 -21.21 -13.29 15.66
C ALA A 218 -20.24 -14.02 14.73
N GLY A 219 -19.16 -13.36 14.32
CA GLY A 219 -18.23 -13.96 13.37
C GLY A 219 -18.59 -13.68 11.93
N PHE A 224 -8.99 -13.26 13.49
CA PHE A 224 -7.60 -12.83 13.53
C PHE A 224 -6.92 -13.25 14.83
N PRO A 225 -5.88 -14.08 14.73
CA PRO A 225 -5.10 -14.42 15.92
C PRO A 225 -4.39 -13.19 16.45
N GLY A 226 -4.17 -13.17 17.75
CA GLY A 226 -3.43 -12.09 18.36
C GLY A 226 -1.94 -12.19 18.10
N LEU A 227 -1.26 -11.06 18.28
CA LEU A 227 0.17 -11.02 17.97
C LEU A 227 0.97 -12.03 18.78
N ASP A 228 0.45 -12.47 19.93
CA ASP A 228 1.13 -13.51 20.71
C ASP A 228 1.16 -14.82 19.94
N GLU A 229 0.02 -15.23 19.41
CA GLU A 229 -0.02 -16.45 18.62
C GLU A 229 0.84 -16.32 17.38
N LEU A 230 0.79 -15.15 16.72
CA LEU A 230 1.61 -14.92 15.53
C LEU A 230 3.08 -15.02 15.87
N HIS A 231 3.49 -14.46 17.01
CA HIS A 231 4.87 -14.56 17.44
C HIS A 231 5.26 -16.01 17.67
N ARG A 232 4.40 -16.79 18.33
CA ARG A 232 4.72 -18.19 18.57
C ARG A 232 4.87 -18.94 17.24
N ARG A 233 3.97 -18.68 16.29
CA ARG A 233 4.10 -19.27 14.96
C ARG A 233 5.41 -18.87 14.31
N TYR A 234 5.76 -17.59 14.41
CA TYR A 234 6.99 -17.11 13.81
C TYR A 234 8.19 -17.83 14.42
N GLU A 235 8.17 -18.02 15.73
CA GLU A 235 9.27 -18.73 16.38
C GLU A 235 9.35 -20.17 15.89
N GLN A 236 8.21 -20.84 15.77
CA GLN A 236 8.21 -22.20 15.23
C GLN A 236 8.80 -22.24 13.84
N TYR A 237 8.40 -21.28 12.99
CA TYR A 237 8.86 -21.24 11.62
C TYR A 237 10.36 -20.95 11.55
N MET A 238 10.85 -20.00 12.35
CA MET A 238 12.27 -19.72 12.38
C MET A 238 13.06 -20.94 12.83
N ALA A 239 12.58 -21.65 13.86
CA ALA A 239 13.29 -22.80 14.40
C ALA A 239 13.37 -23.92 13.37
N GLN A 240 12.28 -24.19 12.66
CA GLN A 240 12.35 -25.23 11.65
C GLN A 240 13.13 -24.77 10.41
N LEU A 241 13.21 -23.47 10.15
CA LEU A 241 14.13 -23.00 9.13
C LEU A 241 15.57 -23.25 9.56
N SER A 242 15.86 -23.02 10.84
CA SER A 242 17.20 -23.25 11.37
C SER A 242 17.57 -24.72 11.24
N GLU A 243 16.74 -25.60 11.79
CA GLU A 243 17.02 -27.04 11.74
C GLU A 243 17.05 -27.55 10.31
N LYS A 244 16.01 -27.25 9.53
CA LYS A 244 15.84 -27.78 8.18
C LYS A 244 17.08 -27.58 7.34
N ALA A 245 17.59 -26.36 7.30
CA ALA A 245 18.83 -26.06 6.61
C ALA A 245 19.78 -25.47 7.63
N ASP A 246 20.44 -26.33 8.40
CA ASP A 246 21.58 -25.92 9.19
C ASP A 246 22.79 -25.99 8.26
N LYS A 247 22.94 -24.95 7.45
CA LYS A 247 24.13 -24.84 6.63
C LYS A 247 25.37 -24.81 7.51
N ASN A 248 25.30 -24.16 8.67
CA ASN A 248 26.47 -23.77 9.45
C ASN A 248 27.49 -23.06 8.56
N SER A 249 26.98 -22.38 7.53
CA SER A 249 27.77 -21.76 6.50
C SER A 249 28.02 -20.30 6.84
N SER A 250 28.78 -19.63 5.99
CA SER A 250 29.03 -18.21 6.17
C SER A 250 27.70 -17.46 6.23
N LEU A 251 26.84 -17.70 5.25
CA LEU A 251 25.59 -16.95 5.11
C LEU A 251 24.63 -17.23 6.25
N ASN A 252 24.49 -18.50 6.64
CA ASN A 252 23.62 -18.83 7.77
C ASN A 252 24.13 -18.17 9.05
N GLN A 253 25.44 -18.12 9.22
CA GLN A 253 26.04 -17.44 10.37
C GLN A 253 25.68 -15.95 10.39
N GLU A 254 25.82 -15.28 9.24
CA GLU A 254 25.49 -13.86 9.20
C GLU A 254 23.99 -13.63 9.44
N ARG A 255 23.15 -14.49 8.87
CA ARG A 255 21.72 -14.35 9.10
C ARG A 255 21.39 -14.53 10.58
N HIS A 256 22.09 -15.46 11.24
CA HIS A 256 21.90 -15.64 12.68
C HIS A 256 22.33 -14.40 13.46
N ALA A 257 23.46 -13.81 13.08
CA ALA A 257 23.92 -12.61 13.77
C ALA A 257 22.91 -11.49 13.64
N ILE A 258 22.35 -11.33 12.44
CA ILE A 258 21.37 -10.28 12.21
C ILE A 258 20.12 -10.52 13.05
N LEU A 259 19.61 -11.76 13.03
CA LEU A 259 18.41 -12.08 13.81
C LEU A 259 18.63 -11.78 15.29
N GLN A 260 19.81 -12.14 15.82
CA GLN A 260 20.06 -11.89 17.24
C GLN A 260 20.08 -10.39 17.54
N GLN A 261 20.71 -9.61 16.67
CA GLN A 261 20.69 -8.17 16.89
C GLN A 261 19.27 -7.59 16.78
N CYS A 262 18.41 -8.16 15.93
CA CYS A 262 17.03 -7.68 15.85
C CYS A 262 16.27 -7.99 17.14
N PHE A 263 16.45 -9.21 17.67
CA PHE A 263 15.75 -9.59 18.89
C PHE A 263 16.21 -8.73 20.06
N SER A 264 17.52 -8.43 20.11
CA SER A 264 18.04 -7.54 21.15
C SER A 264 17.47 -6.14 21.02
N ALA A 265 17.45 -5.60 19.80
CA ALA A 265 17.03 -4.21 19.66
C ALA A 265 15.53 -4.03 19.88
N ALA A 266 14.74 -5.10 19.73
CA ALA A 266 13.30 -4.99 19.95
C ALA A 266 12.94 -4.49 21.34
N GLU A 267 13.81 -4.70 22.33
CA GLU A 267 13.50 -4.26 23.69
C GLU A 267 13.65 -2.76 23.87
N THR A 268 14.33 -2.08 22.95
CA THR A 268 14.66 -0.67 23.15
C THR A 268 13.43 0.22 23.07
N ASP A 269 13.38 1.20 23.98
CA ASP A 269 12.27 2.15 24.01
C ASP A 269 12.58 3.34 23.11
N ARG A 270 12.43 3.12 21.80
CA ARG A 270 12.65 4.14 20.79
C ARG A 270 11.61 3.98 19.71
N THR A 271 11.44 5.01 18.85
CA THR A 271 10.39 5.03 17.84
C THR A 271 10.89 4.92 16.41
N LEU A 272 12.19 5.15 16.16
CA LEU A 272 12.76 5.17 14.81
C LEU A 272 13.97 4.23 14.75
N PHE A 273 13.87 3.15 13.99
CA PHE A 273 14.97 2.23 13.84
C PHE A 273 15.32 2.08 12.36
N SER A 274 16.54 1.63 12.10
CA SER A 274 16.94 1.20 10.79
C SER A 274 17.55 -0.18 10.89
N LEU A 275 17.44 -0.93 9.78
CA LEU A 275 17.92 -2.30 9.66
C LEU A 275 18.65 -2.37 8.32
N THR A 276 19.97 -2.33 8.38
CA THR A 276 20.82 -2.30 7.20
C THR A 276 21.55 -3.63 7.14
N VAL A 277 21.28 -4.41 6.10
CA VAL A 277 21.84 -5.75 5.97
C VAL A 277 22.35 -5.96 4.55
N PRO A 278 23.19 -6.97 4.35
CA PRO A 278 23.55 -7.35 2.98
C PRO A 278 22.35 -7.98 2.28
N THR A 279 22.33 -7.84 0.95
CA THR A 279 21.28 -8.49 0.15
C THR A 279 21.32 -9.98 0.41
N GLY A 280 20.14 -10.61 0.41
CA GLY A 280 20.10 -12.01 0.79
C GLY A 280 20.38 -12.27 2.25
N GLY A 281 20.39 -11.23 3.09
CA GLY A 281 20.67 -11.37 4.49
C GLY A 281 19.47 -11.61 5.39
N GLY A 282 18.28 -11.84 4.82
CA GLY A 282 17.11 -12.12 5.65
C GLY A 282 16.38 -10.88 6.10
N LYS A 283 16.43 -9.81 5.32
CA LYS A 283 15.83 -8.53 5.68
C LYS A 283 14.37 -8.66 6.11
N THR A 284 13.56 -9.40 5.34
CA THR A 284 12.13 -9.46 5.64
C THR A 284 11.84 -10.23 6.92
N LEU A 285 12.40 -11.43 7.04
CA LEU A 285 12.12 -12.26 8.21
C LEU A 285 12.70 -11.64 9.48
N ALA A 286 13.86 -10.99 9.38
CA ALA A 286 14.43 -10.34 10.57
C ALA A 286 13.62 -9.11 10.97
N SER A 287 13.17 -8.34 9.99
CA SER A 287 12.34 -7.18 10.32
C SER A 287 11.04 -7.64 10.98
N LEU A 288 10.45 -8.72 10.48
CA LEU A 288 9.21 -9.24 11.08
C LEU A 288 9.44 -9.73 12.50
N GLY A 289 10.56 -10.42 12.77
CA GLY A 289 10.84 -10.83 14.14
C GLY A 289 11.05 -9.66 15.09
N PHE A 290 11.87 -8.68 14.67
CA PHE A 290 11.97 -7.44 15.42
C PHE A 290 10.59 -6.86 15.71
N ALA A 291 9.72 -6.84 14.70
CA ALA A 291 8.47 -6.11 14.83
C ALA A 291 7.53 -6.82 15.77
N LEU A 292 7.47 -8.15 15.67
CA LEU A 292 6.61 -8.91 16.58
C LEU A 292 7.03 -8.72 18.01
N LYS A 293 8.34 -8.84 18.29
CA LYS A 293 8.78 -8.74 19.68
C LYS A 293 8.59 -7.33 20.23
N HIS A 294 8.96 -6.33 19.44
CA HIS A 294 8.75 -4.93 19.83
C HIS A 294 7.27 -4.63 20.05
N ALA A 295 6.40 -5.15 19.18
CA ALA A 295 4.96 -4.91 19.32
C ALA A 295 4.44 -5.52 20.61
N LEU A 296 4.92 -6.72 20.95
CA LEU A 296 4.48 -7.34 22.20
C LEU A 296 4.98 -6.58 23.42
N LYS A 297 6.21 -6.07 23.38
CA LYS A 297 6.71 -5.39 24.57
C LYS A 297 6.07 -4.02 24.76
N PHE A 298 5.70 -3.32 23.70
CA PHE A 298 5.23 -1.95 23.87
C PHE A 298 3.77 -1.76 23.46
N GLY A 299 2.98 -2.83 23.46
CA GLY A 299 1.56 -2.72 23.10
C GLY A 299 1.23 -2.17 21.73
N LYS A 300 2.02 -2.50 20.71
CA LYS A 300 1.63 -2.15 19.35
C LYS A 300 0.56 -3.13 18.89
N LYS A 301 -0.40 -2.65 18.11
CA LYS A 301 -1.54 -3.49 17.79
C LYS A 301 -1.42 -4.22 16.46
N ARG A 302 -0.54 -3.80 15.54
CA ARG A 302 -0.41 -4.47 14.25
C ARG A 302 0.91 -4.09 13.59
N ILE A 303 1.23 -4.79 12.49
CA ILE A 303 2.48 -4.62 11.75
C ILE A 303 2.15 -4.26 10.31
N ILE A 304 2.77 -3.20 9.81
CA ILE A 304 2.54 -2.73 8.44
C ILE A 304 3.86 -2.71 7.68
N TYR A 305 3.91 -3.44 6.59
CA TYR A 305 5.11 -3.67 5.80
C TYR A 305 4.90 -2.99 4.44
N ALA A 306 5.57 -1.86 4.20
CA ALA A 306 5.30 -1.06 3.01
C ALA A 306 6.51 -1.07 2.10
N ILE A 307 6.30 -1.44 0.84
CA ILE A 307 7.39 -1.68 -0.09
C ILE A 307 7.27 -0.69 -1.24
N PRO A 308 8.34 -0.53 -2.02
CA PRO A 308 8.29 0.43 -3.14
C PRO A 308 7.19 0.08 -4.14
N PHE A 309 6.65 1.12 -4.75
CA PHE A 309 5.57 0.94 -5.72
C PHE A 309 5.98 0.02 -6.87
N THR A 310 7.24 0.00 -7.25
CA THR A 310 7.67 -0.80 -8.39
C THR A 310 8.05 -2.21 -7.96
N SER A 311 7.08 -2.90 -7.37
CA SER A 311 7.30 -4.18 -6.72
C SER A 311 6.17 -5.13 -7.06
N ILE A 312 6.43 -6.43 -6.85
CA ILE A 312 5.38 -7.43 -6.83
C ILE A 312 5.10 -7.71 -5.36
N ILE A 313 3.98 -7.19 -4.90
CA ILE A 313 3.59 -7.31 -3.51
C ILE A 313 3.48 -8.76 -3.10
N GLU A 314 2.87 -9.58 -3.96
CA GLU A 314 2.64 -11.01 -3.72
C GLU A 314 3.90 -11.75 -3.30
N GLN A 315 5.01 -11.47 -4.01
CA GLN A 315 6.29 -12.14 -3.77
C GLN A 315 6.85 -11.81 -2.41
N ASN A 316 6.65 -10.58 -1.93
CA ASN A 316 7.02 -10.26 -0.56
C ASN A 316 6.05 -10.85 0.45
N ALA A 317 4.76 -10.81 0.13
CA ALA A 317 3.76 -11.30 1.09
C ALA A 317 3.89 -12.79 1.34
N ASN A 318 4.41 -13.56 0.37
CA ASN A 318 4.50 -15.01 0.57
C ASN A 318 5.40 -15.38 1.74
N VAL A 319 6.47 -14.61 1.99
CA VAL A 319 7.31 -14.85 3.17
C VAL A 319 6.45 -14.84 4.43
N PHE A 320 5.59 -13.81 4.55
CA PHE A 320 4.71 -13.71 5.72
C PHE A 320 3.67 -14.82 5.74
N ARG A 321 3.13 -15.19 4.58
CA ARG A 321 2.16 -16.28 4.53
C ARG A 321 2.78 -17.59 5.01
N ASN A 322 4.00 -17.90 4.54
CA ASN A 322 4.68 -19.11 4.97
C ASN A 322 5.01 -19.07 6.45
N ALA A 323 5.50 -17.93 6.94
CA ALA A 323 5.88 -17.84 8.35
C ALA A 323 4.66 -17.92 9.28
N LEU A 324 3.53 -17.33 8.87
CA LEU A 324 2.45 -17.09 9.81
C LEU A 324 1.06 -17.54 9.37
N GLY A 325 0.93 -18.24 8.23
CA GLY A 325 -0.35 -18.79 7.82
C GLY A 325 -1.25 -17.81 7.07
N ASP A 326 -2.29 -18.38 6.45
CA ASP A 326 -3.11 -17.60 5.52
C ASP A 326 -3.89 -16.50 6.22
N ASP A 327 -4.60 -16.85 7.28
CA ASP A 327 -5.64 -16.00 7.86
C ASP A 327 -5.15 -14.68 8.44
N VAL A 328 -3.83 -14.44 8.46
CA VAL A 328 -3.33 -13.27 9.19
C VAL A 328 -2.93 -12.12 8.27
N VAL A 329 -2.47 -12.44 7.06
CA VAL A 329 -1.83 -11.47 6.18
C VAL A 329 -2.89 -10.82 5.29
N LEU A 330 -2.97 -9.51 5.32
CA LEU A 330 -3.81 -8.76 4.40
C LEU A 330 -2.92 -8.06 3.39
N GLU A 331 -3.19 -8.30 2.12
CA GLU A 331 -2.41 -7.80 1.00
C GLU A 331 -3.23 -6.70 0.31
N HIS A 332 -2.71 -5.47 0.30
CA HIS A 332 -3.45 -4.33 -0.24
C HIS A 332 -2.49 -3.37 -0.91
N HIS A 333 -2.45 -3.35 -2.25
CA HIS A 333 -1.69 -2.29 -2.93
C HIS A 333 -2.57 -1.34 -3.74
N SER A 334 -3.35 -1.84 -4.69
CA SER A 334 -3.91 -0.93 -5.68
C SER A 334 -5.26 -0.40 -5.23
N ASN A 335 -5.70 0.66 -5.89
CA ASN A 335 -7.00 1.27 -5.60
C ASN A 335 -8.02 0.72 -6.59
N LEU A 336 -8.84 -0.21 -6.10
CA LEU A 336 -9.98 -0.71 -6.85
C LEU A 336 -11.20 0.05 -6.34
N GLU A 337 -11.42 1.22 -6.91
CA GLU A 337 -12.55 2.06 -6.55
C GLU A 337 -13.54 2.05 -7.69
N VAL A 338 -14.83 1.95 -7.36
CA VAL A 338 -15.83 2.06 -8.42
C VAL A 338 -15.89 3.52 -8.84
N LYS A 339 -16.23 3.76 -10.11
CA LYS A 339 -16.40 5.15 -10.51
C LYS A 339 -17.54 5.77 -9.72
N GLU A 340 -17.50 7.10 -9.55
CA GLU A 340 -18.48 7.76 -8.69
C GLU A 340 -19.91 7.39 -9.06
N ASP A 341 -20.20 7.24 -10.36
CA ASP A 341 -21.56 7.00 -10.83
C ASP A 341 -22.11 5.64 -10.45
N LYS A 342 -21.25 4.67 -10.12
CA LYS A 342 -21.71 3.35 -9.71
C LYS A 342 -21.57 3.15 -8.20
N GLU A 343 -21.22 4.20 -7.47
CA GLU A 343 -21.17 4.09 -6.02
C GLU A 343 -22.56 3.83 -5.47
N THR A 344 -22.71 2.74 -4.74
CA THR A 344 -23.94 2.44 -4.00
C THR A 344 -23.62 2.35 -2.52
N ALA A 345 -24.66 2.12 -1.70
CA ALA A 345 -24.44 1.96 -0.27
C ALA A 345 -23.47 0.83 -0.01
N LYS A 346 -23.61 -0.27 -0.75
CA LYS A 346 -22.79 -1.46 -0.50
C LYS A 346 -21.35 -1.26 -0.93
N THR A 347 -21.13 -0.72 -2.14
CA THR A 347 -19.74 -0.45 -2.55
C THR A 347 -19.06 0.51 -1.58
N ARG A 348 -19.80 1.53 -1.11
CA ARG A 348 -19.26 2.44 -0.10
C ARG A 348 -18.74 1.67 1.11
N LEU A 349 -19.50 0.65 1.56
CA LEU A 349 -19.07 -0.08 2.75
C LEU A 349 -17.95 -1.09 2.49
N ALA A 350 -17.69 -1.47 1.23
CA ALA A 350 -16.67 -2.51 1.05
C ALA A 350 -15.23 -1.97 1.07
N THR A 351 -14.99 -0.78 1.60
CA THR A 351 -13.65 -0.21 1.63
C THR A 351 -12.79 -0.82 2.75
N GLU A 352 -11.46 -0.74 2.57
CA GLU A 352 -10.52 -1.41 3.46
C GLU A 352 -10.24 -0.56 4.69
N ASN A 353 -10.19 -1.19 5.86
CA ASN A 353 -9.81 -0.42 7.04
C ASN A 353 -8.54 -0.93 7.71
N TRP A 354 -7.88 -1.94 7.14
CA TRP A 354 -6.61 -2.46 7.67
C TRP A 354 -6.74 -2.89 9.13
N ASP A 355 -7.90 -3.44 9.50
CA ASP A 355 -7.97 -3.96 10.87
C ASP A 355 -7.17 -5.26 11.05
N ALA A 356 -6.62 -5.84 10.00
CA ALA A 356 -5.82 -7.07 10.11
C ALA A 356 -4.53 -6.82 10.91
N PRO A 357 -3.98 -7.87 11.53
CA PRO A 357 -2.74 -7.68 12.29
C PRO A 357 -1.48 -7.55 11.44
N LEU A 358 -1.44 -8.12 10.25
CA LEU A 358 -0.26 -8.02 9.41
C LEU A 358 -0.70 -7.51 8.03
N ILE A 359 -0.20 -6.36 7.63
CA ILE A 359 -0.62 -5.72 6.39
C ILE A 359 0.62 -5.58 5.50
N VAL A 360 0.50 -5.99 4.23
CA VAL A 360 1.55 -5.82 3.23
C VAL A 360 1.01 -4.89 2.14
N THR A 361 1.74 -3.81 1.88
CA THR A 361 1.21 -2.70 1.09
C THR A 361 2.40 -2.01 0.42
N THR A 362 2.10 -1.01 -0.42
CA THR A 362 3.17 -0.16 -0.94
C THR A 362 3.29 1.09 -0.07
N ASN A 363 4.47 1.73 -0.12
CA ASN A 363 4.59 3.01 0.58
C ASN A 363 3.71 4.08 -0.07
N VAL A 364 3.37 3.92 -1.35
CA VAL A 364 2.45 4.85 -2.00
C VAL A 364 1.04 4.71 -1.42
N GLN A 365 0.53 3.48 -1.35
CA GLN A 365 -0.75 3.28 -0.68
C GLN A 365 -0.73 3.86 0.73
N LEU A 366 0.34 3.58 1.50
CA LEU A 366 0.40 4.03 2.88
C LEU A 366 0.36 5.57 2.98
N PHE A 367 1.25 6.24 2.24
CA PHE A 367 1.38 7.67 2.50
C PHE A 367 0.36 8.48 1.71
N GLU A 368 -0.09 8.01 0.55
CA GLU A 368 -1.22 8.66 -0.09
C GLU A 368 -2.50 8.47 0.72
N SER A 369 -2.64 7.36 1.49
CA SER A 369 -3.77 7.31 2.40
C SER A 369 -3.60 8.32 3.54
N LEU A 370 -2.38 8.42 4.11
CA LEU A 370 -2.17 9.37 5.20
C LEU A 370 -2.40 10.83 4.77
N PHE A 371 -2.33 11.14 3.49
CA PHE A 371 -2.57 12.51 3.07
C PHE A 371 -3.90 12.69 2.38
N ALA A 372 -4.85 11.76 2.56
CA ALA A 372 -6.02 11.75 1.71
C ALA A 372 -7.18 12.59 2.26
N ALA A 373 -8.13 12.87 1.37
CA ALA A 373 -9.35 13.57 1.74
C ALA A 373 -10.59 12.68 1.74
N LYS A 374 -10.66 11.69 0.84
CA LYS A 374 -11.85 10.86 0.62
C LYS A 374 -12.02 9.80 1.72
N THR A 375 -13.27 9.41 1.98
CA THR A 375 -13.52 8.41 3.02
C THR A 375 -12.90 7.05 2.68
N SER A 376 -12.88 6.67 1.40
CA SER A 376 -12.36 5.35 1.06
C SER A 376 -10.88 5.23 1.43
N ARG A 377 -10.10 6.30 1.21
CA ARG A 377 -8.69 6.23 1.58
C ARG A 377 -8.44 6.52 3.05
N CYS A 378 -9.29 7.35 3.67
CA CYS A 378 -9.07 7.79 5.02
C CYS A 378 -9.53 6.77 6.07
N ARG A 379 -10.50 5.87 5.72
CA ARG A 379 -10.98 4.85 6.66
C ARG A 379 -9.87 4.12 7.45
N LYS A 380 -8.82 3.66 6.75
CA LYS A 380 -7.76 2.87 7.39
C LYS A 380 -6.87 3.67 8.36
N ILE A 381 -6.89 5.01 8.32
CA ILE A 381 -5.83 5.80 8.94
C ILE A 381 -5.73 5.51 10.45
N HIS A 382 -6.86 5.41 11.16
CA HIS A 382 -6.76 5.31 12.61
C HIS A 382 -6.15 4.00 13.08
N ASN A 383 -6.18 2.95 12.25
CA ASN A 383 -5.53 1.68 12.53
C ASN A 383 -4.02 1.73 12.31
N ILE A 384 -3.50 2.81 11.75
CA ILE A 384 -2.06 2.94 11.66
C ILE A 384 -1.47 3.41 12.98
N ALA A 385 -2.22 4.18 13.76
CA ALA A 385 -1.67 4.65 15.01
C ALA A 385 -1.36 3.43 15.89
N ASP A 386 -0.30 3.55 16.70
CA ASP A 386 0.14 2.44 17.56
C ASP A 386 0.45 1.17 16.78
N SER A 387 1.12 1.32 15.63
CA SER A 387 1.53 0.17 14.83
C SER A 387 3.04 0.16 14.69
N VAL A 388 3.57 -0.93 14.15
CA VAL A 388 4.95 -0.95 13.67
C VAL A 388 4.90 -0.91 12.15
N VAL A 389 5.53 0.08 11.56
CA VAL A 389 5.58 0.25 10.10
C VAL A 389 6.99 -0.02 9.63
N ILE A 390 7.13 -1.00 8.74
CA ILE A 390 8.41 -1.36 8.16
C ILE A 390 8.46 -0.78 6.76
N LEU A 391 9.38 0.17 6.52
CA LEU A 391 9.57 0.76 5.20
C LEU A 391 10.74 0.06 4.54
N ASP A 392 10.43 -0.71 3.52
CA ASP A 392 11.47 -1.42 2.82
C ASP A 392 12.08 -0.46 1.80
N GLU A 393 13.40 -0.32 1.84
CA GLU A 393 14.15 0.63 1.02
C GLU A 393 13.53 2.02 1.07
N ALA A 394 13.50 2.59 2.28
CA ALA A 394 12.77 3.84 2.44
C ALA A 394 13.40 4.97 1.65
N GLN A 395 14.71 4.90 1.41
CA GLN A 395 15.39 5.97 0.68
C GLN A 395 14.83 6.16 -0.71
N GLN A 396 14.09 5.18 -1.24
CA GLN A 396 13.49 5.33 -2.55
C GLN A 396 12.13 6.03 -2.52
N LEU A 397 11.64 6.44 -1.36
CA LEU A 397 10.44 7.26 -1.35
C LEU A 397 10.68 8.46 -2.27
N PRO A 398 9.68 8.84 -3.11
CA PRO A 398 9.88 9.94 -4.07
C PRO A 398 10.45 11.20 -3.43
N ARG A 399 11.62 11.60 -3.92
CA ARG A 399 12.36 12.71 -3.30
C ARG A 399 11.53 13.98 -3.23
N ASP A 400 10.69 14.24 -4.24
CA ASP A 400 9.95 15.49 -4.29
C ASP A 400 8.81 15.55 -3.27
N PHE A 401 8.46 14.44 -2.64
CA PHE A 401 7.50 14.43 -1.55
C PHE A 401 8.15 14.09 -0.23
N GLN A 402 9.49 14.08 -0.17
CA GLN A 402 10.16 13.57 1.02
C GLN A 402 9.95 14.45 2.25
N LYS A 403 9.83 15.78 2.06
CA LYS A 403 9.58 16.63 3.22
C LYS A 403 8.20 16.38 3.85
N PRO A 404 7.07 16.45 3.12
CA PRO A 404 5.80 16.10 3.79
C PRO A 404 5.81 14.70 4.38
N ILE A 405 6.38 13.74 3.67
CA ILE A 405 6.34 12.36 4.15
C ILE A 405 7.13 12.23 5.46
N THR A 406 8.33 12.83 5.50
CA THR A 406 9.10 12.69 6.73
C THR A 406 8.50 13.54 7.85
N ASP A 407 7.84 14.67 7.49
CA ASP A 407 7.11 15.40 8.53
C ASP A 407 6.02 14.50 9.10
N MET A 408 5.28 13.83 8.21
CA MET A 408 4.27 12.86 8.62
C MET A 408 4.88 11.85 9.57
N MET A 409 6.01 11.27 9.17
CA MET A 409 6.57 10.18 9.96
C MET A 409 6.99 10.71 11.32
N ARG A 410 7.58 11.90 11.35
CA ARG A 410 7.99 12.48 12.61
C ARG A 410 6.80 12.58 13.56
N VAL A 411 5.70 13.13 13.05
CA VAL A 411 4.55 13.32 13.92
C VAL A 411 4.02 11.97 14.38
N LEU A 412 3.92 11.01 13.46
CA LEU A 412 3.32 9.74 13.82
C LEU A 412 4.19 9.02 14.84
N ALA A 413 5.50 9.17 14.73
CA ALA A 413 6.34 8.47 15.69
C ALA A 413 6.27 9.15 17.04
N ARG A 414 6.03 10.47 17.07
CA ARG A 414 6.16 11.17 18.34
C ARG A 414 4.86 11.19 19.10
N ASP A 415 3.75 11.40 18.39
CA ASP A 415 2.47 11.65 19.02
C ASP A 415 1.45 10.53 18.84
N TYR A 416 1.65 9.59 17.92
CA TYR A 416 0.62 8.58 17.67
C TYR A 416 1.13 7.16 17.86
N GLY A 417 2.21 6.97 18.63
CA GLY A 417 2.63 5.62 19.01
C GLY A 417 3.18 4.74 17.90
N VAL A 418 3.62 5.33 16.76
CA VAL A 418 4.03 4.50 15.63
C VAL A 418 5.53 4.25 15.72
N THR A 419 5.94 3.03 15.39
CA THR A 419 7.35 2.70 15.29
C THR A 419 7.72 2.49 13.83
N PHE A 420 8.73 3.19 13.34
CA PHE A 420 9.20 2.99 11.96
C PHE A 420 10.51 2.20 11.98
N VAL A 421 10.59 1.18 11.13
CA VAL A 421 11.82 0.45 10.89
C VAL A 421 12.20 0.65 9.43
N LEU A 422 13.27 1.38 9.18
CA LEU A 422 13.74 1.63 7.80
C LEU A 422 14.69 0.51 7.37
N CYS A 423 14.18 -0.47 6.62
CA CYS A 423 14.97 -1.61 6.16
C CYS A 423 15.64 -1.26 4.84
N THR A 424 16.93 -1.54 4.74
CA THR A 424 17.57 -1.43 3.44
C THR A 424 18.64 -2.50 3.30
N ALA A 425 18.75 -3.07 2.12
CA ALA A 425 19.80 -4.05 1.88
C ALA A 425 21.07 -3.40 1.35
N THR A 426 21.41 -2.19 1.80
CA THR A 426 22.62 -1.49 1.35
C THR A 426 23.77 -1.54 2.36
N GLN A 427 23.97 -2.66 3.07
CA GLN A 427 25.20 -2.84 3.85
C GLN A 427 26.38 -3.00 2.91
N PRO A 428 27.40 -2.16 3.00
CA PRO A 428 28.50 -2.24 2.03
C PRO A 428 29.34 -3.49 2.18
N GLU A 429 29.98 -3.85 1.07
CA GLU A 429 30.99 -4.91 1.09
C GLU A 429 32.27 -4.39 1.74
N LEU A 430 32.71 -5.05 2.80
CA LEU A 430 33.96 -4.68 3.46
C LEU A 430 35.18 -5.31 2.75
N ILE A 434 36.11 1.95 5.06
CA ILE A 434 36.44 0.72 5.79
C ILE A 434 35.36 0.55 6.85
N ASP A 435 34.17 0.95 6.44
CA ASP A 435 33.01 1.16 7.32
C ASP A 435 33.35 2.15 8.43
N ALA A 436 33.99 3.25 8.05
CA ALA A 436 34.17 4.40 8.93
C ALA A 436 33.05 5.42 8.80
N PHE A 437 32.08 5.22 7.90
CA PHE A 437 31.01 6.18 7.70
C PHE A 437 29.66 5.59 8.08
N GLY A 438 28.85 6.41 8.75
CA GLY A 438 27.42 6.20 8.77
C GLY A 438 26.76 6.75 7.53
N ARG A 439 25.47 6.49 7.44
CA ARG A 439 24.65 7.01 6.37
C ARG A 439 23.40 7.60 6.99
N THR A 440 22.84 8.59 6.32
CA THR A 440 21.51 9.07 6.66
C THR A 440 20.55 8.54 5.61
N ILE A 441 19.70 7.60 6.00
CA ILE A 441 18.78 6.97 5.05
C ILE A 441 17.76 8.00 4.52
N LEU A 442 17.10 8.71 5.43
CA LEU A 442 16.15 9.75 5.07
C LEU A 442 16.59 11.05 5.71
N GLU A 443 16.77 12.07 4.89
CA GLU A 443 17.38 13.32 5.34
C GLU A 443 16.56 14.07 6.37
N GLY A 444 15.28 13.77 6.53
CA GLY A 444 14.48 14.61 7.40
C GLY A 444 14.10 14.09 8.77
N LEU A 445 14.57 12.94 9.16
CA LEU A 445 13.99 12.38 10.36
C LEU A 445 14.80 12.73 11.59
N PRO A 446 14.22 12.57 12.81
CA PRO A 446 15.03 12.59 14.04
C PRO A 446 16.01 11.43 14.04
N ASP A 447 16.80 11.27 15.09
CA ASP A 447 17.85 10.26 15.05
C ASP A 447 17.25 8.87 15.06
N VAL A 448 17.83 8.01 14.24
CA VAL A 448 17.32 6.67 13.95
C VAL A 448 18.31 5.67 14.53
N ARG A 449 17.84 4.74 15.36
CA ARG A 449 18.71 3.75 15.95
C ARG A 449 18.97 2.63 14.93
N GLU A 450 20.24 2.36 14.61
CA GLU A 450 20.53 1.23 13.73
C GLU A 450 20.56 -0.06 14.54
N ILE A 451 19.82 -1.06 14.06
CA ILE A 451 19.66 -2.33 14.76
C ILE A 451 20.92 -3.18 14.64
N VAL A 452 21.53 -3.22 13.47
CA VAL A 452 22.73 -4.04 13.24
C VAL A 452 23.93 -3.12 13.28
N ALA A 453 24.47 -2.91 14.48
CA ALA A 453 25.72 -2.17 14.63
C ALA A 453 26.91 -3.05 15.00
N ASP A 454 26.66 -4.25 15.53
CA ASP A 454 27.70 -5.25 15.67
C ASP A 454 28.21 -5.68 14.30
N LYS A 455 29.53 -5.76 14.14
CA LYS A 455 30.18 -5.95 12.86
C LYS A 455 30.75 -7.36 12.71
N ILE A 456 31.01 -7.73 11.45
CA ILE A 456 31.69 -8.98 11.06
C ILE A 456 31.12 -10.23 11.71
N LYS A 461 31.41 -11.82 5.23
CA LYS A 461 32.84 -11.69 5.03
C LYS A 461 33.26 -11.78 3.54
N LEU A 462 32.74 -12.75 2.79
CA LEU A 462 33.33 -13.08 1.48
C LEU A 462 32.51 -12.52 0.32
N ARG A 463 33.24 -11.98 -0.67
CA ARG A 463 32.63 -11.34 -1.82
C ARG A 463 31.76 -12.32 -2.60
N ARG A 464 30.71 -11.80 -3.23
CA ARG A 464 29.86 -12.67 -4.03
C ARG A 464 29.90 -12.38 -5.52
N VAL A 465 30.17 -11.14 -5.94
CA VAL A 465 30.12 -10.78 -7.36
C VAL A 465 31.35 -9.94 -7.72
N ARG A 466 31.56 -9.79 -9.02
CA ARG A 466 32.37 -8.71 -9.59
C ARG A 466 31.44 -7.82 -10.41
N ILE A 467 31.70 -6.50 -10.38
CA ILE A 467 30.81 -5.52 -11.00
C ILE A 467 31.59 -4.73 -12.04
N LYS A 468 31.01 -4.61 -13.23
CA LYS A 468 31.58 -3.81 -14.31
C LYS A 468 30.65 -2.63 -14.59
N MET A 469 31.22 -1.43 -14.74
CA MET A 469 30.50 -0.17 -14.95
C MET A 469 30.63 0.30 -16.40
N PRO A 470 29.71 1.13 -16.87
CA PRO A 470 29.82 1.68 -18.26
C PRO A 470 30.94 2.70 -18.35
N PRO A 471 31.30 3.13 -19.56
CA PRO A 471 32.44 4.05 -19.71
C PRO A 471 32.09 5.46 -19.25
N PRO A 472 33.03 6.11 -18.58
CA PRO A 472 32.85 7.53 -18.24
C PRO A 472 32.55 8.45 -19.42
N ASN A 473 33.00 8.11 -20.63
CA ASN A 473 32.77 9.04 -21.74
C ASN A 473 31.29 9.28 -22.02
N GLY A 474 30.38 8.54 -21.35
CA GLY A 474 28.96 8.77 -21.49
C GLY A 474 28.28 8.13 -22.68
N GLU A 475 29.00 7.34 -23.48
CA GLU A 475 28.39 6.74 -24.65
C GLU A 475 27.35 5.70 -24.26
N THR A 476 26.31 5.61 -25.08
CA THR A 476 25.23 4.67 -24.87
C THR A 476 25.31 3.53 -25.87
N GLN A 477 24.77 2.39 -25.47
CA GLN A 477 24.66 1.22 -26.31
C GLN A 477 23.24 1.07 -26.79
N SER A 478 23.09 0.73 -28.08
CA SER A 478 21.81 0.34 -28.63
C SER A 478 21.26 -0.89 -27.92
N TRP A 479 19.94 -1.08 -28.01
CA TRP A 479 19.34 -2.32 -27.51
C TRP A 479 19.88 -3.55 -28.24
N GLN A 480 20.19 -3.44 -29.53
CA GLN A 480 20.72 -4.62 -30.22
C GLN A 480 22.09 -4.98 -29.69
N LYS A 481 22.91 -3.99 -29.37
CA LYS A 481 24.25 -4.25 -28.89
C LYS A 481 24.23 -4.88 -27.51
N ILE A 482 23.35 -4.40 -26.64
CA ILE A 482 23.17 -5.01 -25.33
C ILE A 482 22.64 -6.43 -25.45
N ALA A 483 21.66 -6.65 -26.33
CA ALA A 483 21.15 -7.99 -26.55
C ALA A 483 22.24 -8.91 -27.08
N ASP A 484 23.12 -8.39 -27.94
CA ASP A 484 24.21 -9.22 -28.44
C ASP A 484 25.15 -9.61 -27.31
N GLU A 485 25.44 -8.67 -26.40
CA GLU A 485 26.29 -9.01 -25.26
C GLU A 485 25.63 -10.05 -24.38
N ILE A 486 24.32 -9.92 -24.16
CA ILE A 486 23.60 -10.88 -23.32
C ILE A 486 23.58 -12.27 -23.98
N ALA A 487 23.27 -12.31 -25.28
CA ALA A 487 23.12 -13.57 -26.00
C ALA A 487 24.43 -14.33 -26.16
N ALA A 488 25.57 -13.67 -25.94
CA ALA A 488 26.84 -14.38 -25.96
C ALA A 488 27.07 -15.21 -24.72
N ARG A 489 26.12 -15.18 -23.75
CA ARG A 489 26.25 -15.72 -22.41
C ARG A 489 25.17 -16.75 -22.11
N PRO A 490 25.49 -17.80 -21.34
CA PRO A 490 24.54 -18.92 -21.20
C PRO A 490 23.32 -18.62 -20.33
N CYS A 491 23.39 -17.66 -19.41
CA CYS A 491 22.33 -17.51 -18.42
C CYS A 491 22.41 -16.10 -17.84
N VAL A 492 21.44 -15.25 -18.15
CA VAL A 492 21.52 -13.85 -17.79
C VAL A 492 20.16 -13.34 -17.33
N LEU A 493 20.13 -12.67 -16.19
CA LEU A 493 19.01 -11.82 -15.81
C LEU A 493 19.37 -10.39 -16.17
N ALA A 494 18.58 -9.76 -17.03
CA ALA A 494 18.77 -8.39 -17.45
C ALA A 494 17.67 -7.51 -16.86
N VAL A 495 18.06 -6.43 -16.18
CA VAL A 495 17.11 -5.53 -15.55
C VAL A 495 17.18 -4.14 -16.20
N VAL A 496 16.03 -3.62 -16.62
CA VAL A 496 15.97 -2.34 -17.32
C VAL A 496 15.01 -1.42 -16.56
N ASN A 497 15.00 -0.16 -16.95
CA ASN A 497 14.37 0.88 -16.13
C ASN A 497 12.94 1.23 -16.52
N THR A 498 12.41 0.73 -17.64
CA THR A 498 11.02 0.99 -18.01
C THR A 498 10.44 -0.22 -18.75
N ARG A 499 9.10 -0.26 -18.83
CA ARG A 499 8.39 -1.33 -19.54
C ARG A 499 8.72 -1.36 -21.03
N LYS A 500 8.82 -0.19 -21.66
CA LYS A 500 9.15 -0.15 -23.08
C LYS A 500 10.57 -0.66 -23.30
N HIS A 501 11.48 -0.33 -22.40
CA HIS A 501 12.83 -0.87 -22.50
C HIS A 501 12.82 -2.39 -22.39
N ALA A 502 11.97 -2.92 -21.51
CA ALA A 502 11.86 -4.37 -21.41
C ALA A 502 11.40 -4.96 -22.74
N GLN A 503 10.39 -4.34 -23.37
CA GLN A 503 9.93 -4.84 -24.65
C GLN A 503 11.04 -4.76 -25.70
N LYS A 504 11.74 -3.62 -25.77
CA LYS A 504 12.77 -3.48 -26.80
C LYS A 504 13.90 -4.48 -26.60
N LEU A 505 14.33 -4.67 -25.35
CA LEU A 505 15.42 -5.60 -25.14
C LEU A 505 14.99 -7.02 -25.44
N PHE A 506 13.80 -7.41 -24.95
CA PHE A 506 13.28 -8.74 -25.22
C PHE A 506 13.19 -8.99 -26.72
N ALA A 507 12.63 -8.04 -27.47
CA ALA A 507 12.52 -8.22 -28.91
C ALA A 507 13.89 -8.36 -29.55
N ALA A 508 14.88 -7.63 -29.03
CA ALA A 508 16.21 -7.64 -29.65
C ALA A 508 16.93 -8.97 -29.47
N LEU A 509 16.56 -9.78 -28.47
CA LEU A 509 17.26 -11.03 -28.22
C LEU A 509 16.96 -12.04 -29.33
N PRO A 510 17.94 -12.90 -29.67
CA PRO A 510 17.70 -13.92 -30.70
C PRO A 510 16.67 -14.95 -30.23
N SER A 511 16.30 -15.82 -31.17
CA SER A 511 15.23 -16.77 -30.92
C SER A 511 15.75 -18.17 -30.62
N ASN A 512 17.06 -18.34 -30.50
CA ASN A 512 17.66 -19.62 -30.21
C ASN A 512 17.73 -19.91 -28.71
N GLY A 513 17.32 -18.97 -27.86
CA GLY A 513 17.36 -19.17 -26.43
C GLY A 513 15.98 -19.49 -25.86
N ILE A 514 15.98 -19.65 -24.54
CA ILE A 514 14.75 -19.60 -23.75
C ILE A 514 14.71 -18.22 -23.13
N LYS A 515 13.83 -17.34 -23.63
CA LYS A 515 13.74 -15.98 -23.10
C LYS A 515 12.34 -15.73 -22.51
N LEU A 516 12.30 -14.94 -21.45
CA LEU A 516 11.09 -14.65 -20.67
C LEU A 516 11.12 -13.17 -20.27
N HIS A 517 9.98 -12.68 -19.79
CA HIS A 517 9.73 -11.24 -19.70
C HIS A 517 8.89 -10.95 -18.48
N LEU A 518 9.34 -9.98 -17.67
CA LEU A 518 8.62 -9.45 -16.52
C LEU A 518 8.60 -7.93 -16.57
N SER A 519 7.41 -7.34 -16.49
CA SER A 519 7.28 -5.90 -16.30
C SER A 519 5.89 -5.61 -15.72
N ALA A 520 5.72 -4.39 -15.21
CA ALA A 520 4.44 -3.99 -14.65
C ALA A 520 3.33 -3.85 -15.70
N ASN A 521 3.58 -4.16 -16.99
CA ASN A 521 2.47 -4.41 -17.91
C ASN A 521 1.78 -5.75 -17.67
N MET A 522 2.23 -6.53 -16.68
CA MET A 522 1.70 -7.86 -16.40
C MET A 522 1.11 -7.89 -14.99
N CYS A 523 -0.04 -8.53 -14.82
CA CYS A 523 -0.62 -8.58 -13.48
C CYS A 523 0.25 -9.43 -12.57
N ALA A 524 -0.01 -9.31 -11.28
CA ALA A 524 0.74 -10.08 -10.29
C ALA A 524 0.70 -11.56 -10.59
N THR A 525 -0.47 -12.11 -10.95
CA THR A 525 -0.55 -13.56 -11.07
C THR A 525 0.30 -14.04 -12.25
N HIS A 526 0.24 -13.30 -13.35
CA HIS A 526 1.07 -13.59 -14.51
C HIS A 526 2.56 -13.53 -14.15
N CYS A 527 2.94 -12.48 -13.41
CA CYS A 527 4.33 -12.35 -12.97
C CYS A 527 4.75 -13.52 -12.11
N SER A 528 3.91 -13.93 -11.16
CA SER A 528 4.29 -15.01 -10.24
C SER A 528 4.43 -16.34 -10.99
N GLU A 529 3.61 -16.55 -12.04
CA GLU A 529 3.74 -17.77 -12.83
C GLU A 529 5.02 -17.77 -13.65
N VAL A 530 5.39 -16.63 -14.23
CA VAL A 530 6.67 -16.52 -14.92
C VAL A 530 7.82 -16.74 -13.95
N ILE A 531 7.73 -16.18 -12.74
CA ILE A 531 8.81 -16.36 -11.78
C ILE A 531 8.99 -17.84 -11.45
N ALA A 532 7.89 -18.56 -11.19
CA ALA A 532 7.99 -19.98 -10.86
C ALA A 532 8.57 -20.79 -12.03
N LEU A 533 8.18 -20.45 -13.24
CA LEU A 533 8.76 -21.15 -14.38
C LEU A 533 10.27 -20.91 -14.46
N VAL A 534 10.69 -19.66 -14.24
CA VAL A 534 12.12 -19.34 -14.24
C VAL A 534 12.85 -20.17 -13.20
N ARG A 535 12.23 -20.38 -12.04
CA ARG A 535 12.83 -21.21 -11.02
C ARG A 535 13.10 -22.61 -11.56
N ARG A 536 12.14 -23.16 -12.30
CA ARG A 536 12.35 -24.51 -12.82
C ARG A 536 13.52 -24.54 -13.80
N TYR A 537 13.57 -23.55 -14.70
CA TYR A 537 14.69 -23.51 -15.64
C TYR A 537 16.00 -23.39 -14.89
N LEU A 538 16.06 -22.52 -13.88
CA LEU A 538 17.30 -22.31 -13.15
C LEU A 538 17.77 -23.59 -12.48
N ALA A 539 16.85 -24.36 -11.86
CA ALA A 539 17.25 -25.61 -11.22
C ALA A 539 17.88 -26.56 -12.24
N LEU A 540 17.30 -26.61 -13.44
CA LEU A 540 17.95 -27.36 -14.51
C LEU A 540 19.33 -26.78 -14.83
N TYR A 541 19.43 -25.46 -14.88
CA TYR A 541 20.68 -24.82 -15.29
C TYR A 541 21.79 -25.16 -14.31
N ARG A 542 21.47 -25.14 -13.02
CA ARG A 542 22.43 -25.41 -11.96
C ARG A 542 22.79 -26.87 -11.88
N ALA A 543 22.01 -27.76 -12.51
CA ALA A 543 22.50 -29.13 -12.66
C ALA A 543 23.20 -29.39 -14.00
N GLY A 544 23.58 -28.36 -14.74
CA GLY A 544 24.25 -28.58 -16.03
C GLY A 544 23.38 -29.27 -17.07
N SER A 545 22.10 -28.94 -17.10
CA SER A 545 21.14 -29.80 -17.77
C SER A 545 20.09 -29.01 -18.55
N LEU A 546 20.35 -27.73 -18.85
CA LEU A 546 19.45 -26.91 -19.67
C LEU A 546 20.12 -26.71 -21.02
N HIS A 547 19.43 -27.10 -22.06
CA HIS A 547 20.08 -27.28 -23.35
C HIS A 547 20.03 -26.01 -24.21
N LYS A 548 19.41 -24.94 -23.71
CA LYS A 548 19.41 -23.65 -24.37
C LYS A 548 19.87 -22.59 -23.37
N PRO A 549 20.47 -21.52 -23.87
CA PRO A 549 20.74 -20.38 -23.00
C PRO A 549 19.46 -19.76 -22.48
N LEU A 550 19.55 -19.20 -21.29
CA LEU A 550 18.41 -18.72 -20.54
C LEU A 550 18.54 -17.23 -20.30
N TRP A 551 17.63 -16.44 -20.85
CA TRP A 551 17.66 -15.00 -20.69
C TRP A 551 16.33 -14.53 -20.11
N LEU A 552 16.37 -13.86 -18.97
CA LEU A 552 15.17 -13.24 -18.40
C LEU A 552 15.32 -11.73 -18.49
N VAL A 553 14.40 -11.08 -19.21
CA VAL A 553 14.33 -9.63 -19.24
C VAL A 553 13.29 -9.16 -18.24
N SER A 554 13.70 -8.32 -17.28
CA SER A 554 12.82 -7.83 -16.24
C SER A 554 13.05 -6.34 -16.03
N THR A 555 12.09 -5.72 -15.35
CA THR A 555 12.22 -4.36 -14.87
C THR A 555 12.66 -4.42 -13.42
N GLN A 556 12.69 -3.25 -12.76
CA GLN A 556 13.16 -3.23 -11.38
C GLN A 556 12.22 -3.97 -10.45
N LEU A 557 11.02 -4.35 -10.90
CA LEU A 557 10.14 -5.05 -9.97
C LEU A 557 10.78 -6.34 -9.44
N ILE A 558 11.78 -6.88 -10.14
CA ILE A 558 12.48 -8.08 -9.68
C ILE A 558 13.43 -7.79 -8.51
N GLU A 559 13.94 -6.55 -8.37
CA GLU A 559 14.95 -6.26 -7.34
C GLU A 559 14.31 -6.06 -5.99
N ALA A 560 12.99 -5.96 -5.95
CA ALA A 560 12.26 -5.72 -4.72
C ALA A 560 11.61 -7.01 -4.25
N GLY A 561 12.41 -7.84 -3.58
CA GLY A 561 11.89 -8.97 -2.85
C GLY A 561 11.75 -10.27 -3.60
N VAL A 562 12.06 -10.31 -4.91
CA VAL A 562 12.05 -11.57 -5.63
C VAL A 562 13.34 -12.32 -5.34
N ASP A 563 13.23 -13.55 -4.88
CA ASP A 563 14.39 -14.36 -4.54
C ASP A 563 14.73 -15.24 -5.74
N LEU A 564 15.67 -14.78 -6.55
CA LEU A 564 16.19 -15.57 -7.65
C LEU A 564 17.71 -15.48 -7.65
N ASP A 565 18.36 -16.56 -8.08
CA ASP A 565 19.82 -16.64 -8.09
C ASP A 565 20.35 -16.92 -9.50
N PHE A 566 20.89 -15.87 -10.20
CA PHE A 566 21.53 -15.94 -11.51
C PHE A 566 23.04 -15.84 -11.40
N PRO A 567 23.77 -16.48 -12.30
CA PRO A 567 25.23 -16.32 -12.32
C PRO A 567 25.69 -15.02 -12.94
N CYS A 568 24.86 -14.41 -13.79
CA CYS A 568 25.22 -13.14 -14.40
C CYS A 568 24.00 -12.24 -14.33
N VAL A 569 24.17 -11.00 -13.88
CA VAL A 569 23.09 -10.01 -13.94
C VAL A 569 23.55 -8.79 -14.72
N TYR A 570 22.75 -8.40 -15.72
CA TYR A 570 22.89 -7.14 -16.43
C TYR A 570 21.92 -6.13 -15.85
N ARG A 571 22.42 -4.93 -15.50
CA ARG A 571 21.62 -3.88 -14.88
C ARG A 571 21.79 -2.57 -15.65
N ALA A 572 20.66 -1.98 -16.05
CA ALA A 572 20.68 -0.65 -16.63
C ALA A 572 21.12 0.36 -15.58
N MET A 573 21.84 1.38 -16.05
CA MET A 573 22.36 2.43 -15.18
C MET A 573 21.26 2.95 -14.26
N ALA A 574 21.55 2.99 -12.97
CA ALA A 574 20.55 3.43 -12.02
C ALA A 574 21.25 3.78 -10.71
N GLY A 575 20.46 4.16 -9.72
CA GLY A 575 21.03 4.52 -8.43
C GLY A 575 21.81 3.38 -7.82
N LEU A 576 22.85 3.73 -7.08
CA LEU A 576 23.74 2.73 -6.52
C LEU A 576 22.98 1.71 -5.68
N ASP A 577 21.92 2.13 -4.97
CA ASP A 577 21.14 1.15 -4.21
C ASP A 577 20.43 0.16 -5.13
N SER A 578 19.91 0.63 -6.26
CA SER A 578 19.27 -0.27 -7.22
C SER A 578 20.27 -1.28 -7.79
N ILE A 579 21.48 -0.81 -8.11
CA ILE A 579 22.56 -1.68 -8.59
C ILE A 579 22.90 -2.74 -7.56
N ALA A 580 22.96 -2.36 -6.29
CA ALA A 580 23.20 -3.36 -5.26
C ALA A 580 22.04 -4.36 -5.19
N GLN A 581 20.79 -3.88 -5.28
CA GLN A 581 19.68 -4.82 -5.22
C GLN A 581 19.74 -5.80 -6.39
N ALA A 582 20.15 -5.32 -7.57
CA ALA A 582 20.30 -6.20 -8.72
C ALA A 582 21.40 -7.24 -8.47
N ALA A 583 22.54 -6.80 -7.94
CA ALA A 583 23.60 -7.74 -7.65
C ALA A 583 23.17 -8.79 -6.62
N GLY A 584 22.18 -8.44 -5.79
CA GLY A 584 21.60 -9.39 -4.85
C GLY A 584 20.88 -10.56 -5.50
N ARG A 585 20.65 -10.53 -6.82
CA ARG A 585 20.13 -11.69 -7.55
C ARG A 585 21.21 -12.40 -8.35
N CYS A 586 22.47 -12.08 -8.09
CA CYS A 586 23.60 -12.65 -8.80
C CYS A 586 24.46 -13.36 -7.78
N ASN A 587 24.60 -14.69 -7.93
CA ASN A 587 25.22 -15.53 -6.90
C ASN A 587 24.69 -15.13 -5.52
N ARG A 588 23.34 -15.15 -5.40
CA ARG A 588 22.67 -14.60 -4.22
C ARG A 588 23.17 -15.24 -2.93
N GLU A 589 23.15 -16.57 -2.86
CA GLU A 589 23.58 -17.27 -1.65
C GLU A 589 25.09 -17.34 -1.50
N GLY A 590 25.86 -16.94 -2.51
CA GLY A 590 27.30 -17.15 -2.43
C GLY A 590 27.69 -18.62 -2.53
N LYS A 591 26.89 -19.43 -3.22
CA LYS A 591 27.14 -20.86 -3.38
C LYS A 591 27.88 -21.20 -4.67
N LEU A 592 28.21 -20.23 -5.47
CA LEU A 592 28.81 -20.75 -6.68
C LEU A 592 30.33 -20.77 -6.57
N PRO A 593 30.99 -21.71 -7.26
CA PRO A 593 32.46 -21.77 -7.22
C PRO A 593 33.14 -20.68 -8.03
N GLN A 594 32.41 -19.75 -8.63
CA GLN A 594 33.03 -18.55 -9.18
C GLN A 594 32.20 -17.35 -8.76
N LEU A 595 32.86 -16.18 -8.74
CA LEU A 595 32.13 -14.94 -8.53
C LEU A 595 31.05 -14.76 -9.59
N GLY A 596 29.93 -14.17 -9.18
CA GLY A 596 28.96 -13.72 -10.15
C GLY A 596 29.48 -12.57 -11.00
N GLU A 597 28.89 -12.41 -12.17
CA GLU A 597 29.29 -11.38 -13.12
C GLU A 597 28.16 -10.36 -13.20
N VAL A 598 28.41 -9.12 -12.79
CA VAL A 598 27.40 -8.06 -12.88
C VAL A 598 27.89 -7.02 -13.86
N VAL A 599 27.07 -6.71 -14.86
CA VAL A 599 27.44 -5.74 -15.89
C VAL A 599 26.42 -4.62 -15.85
N VAL A 600 26.86 -3.42 -15.48
CA VAL A 600 26.01 -2.23 -15.53
C VAL A 600 26.24 -1.59 -16.89
N PHE A 601 25.16 -1.35 -17.62
CA PHE A 601 25.27 -0.81 -18.97
C PHE A 601 24.50 0.49 -19.06
N ARG A 602 24.88 1.32 -20.01
CA ARG A 602 24.18 2.55 -20.30
C ARG A 602 23.47 2.38 -21.64
N ALA A 603 22.14 2.37 -21.60
CA ALA A 603 21.32 2.30 -22.79
C ALA A 603 20.60 3.62 -22.98
N GLU A 604 19.66 3.63 -23.92
CA GLU A 604 18.64 4.68 -24.05
C GLU A 604 18.15 5.17 -22.68
N GLU A 605 18.12 6.48 -22.50
CA GLU A 605 17.71 7.06 -21.24
C GLU A 605 16.24 6.75 -20.96
N GLY A 606 15.90 6.70 -19.67
CA GLY A 606 14.53 6.54 -19.22
C GLY A 606 14.49 6.07 -17.79
N ALA A 607 13.35 6.37 -17.12
CA ALA A 607 13.11 5.98 -15.73
C ALA A 607 11.65 6.19 -15.35
N PRO A 608 11.06 5.33 -14.50
CA PRO A 608 9.62 5.42 -14.22
C PRO A 608 9.23 6.53 -13.25
N SER A 609 10.18 7.23 -12.63
CA SER A 609 9.83 8.33 -11.75
C SER A 609 11.02 9.27 -11.68
N GLY A 610 10.74 10.54 -11.37
CA GLY A 610 11.79 11.53 -11.27
C GLY A 610 12.83 11.15 -10.24
N SER A 611 12.43 10.41 -9.21
CA SER A 611 13.38 10.03 -8.18
C SER A 611 14.37 8.98 -8.68
N LEU A 612 13.90 8.05 -9.51
CA LEU A 612 14.81 7.04 -10.04
C LEU A 612 15.76 7.65 -11.08
N LYS A 613 15.26 8.63 -11.84
CA LYS A 613 16.15 9.43 -12.67
C LYS A 613 17.20 10.14 -11.82
N GLN A 614 16.82 10.65 -10.64
CA GLN A 614 17.81 11.30 -9.78
C GLN A 614 18.90 10.32 -9.35
N GLY A 615 18.50 9.11 -8.94
CA GLY A 615 19.50 8.09 -8.63
C GLY A 615 20.45 7.85 -9.82
N GLN A 616 19.89 7.75 -11.01
CA GLN A 616 20.72 7.53 -12.19
C GLN A 616 21.74 8.65 -12.35
N ASP A 617 21.29 9.89 -12.15
CA ASP A 617 22.17 11.04 -12.32
C ASP A 617 23.29 11.02 -11.28
N ILE A 618 22.96 10.66 -10.04
CA ILE A 618 23.99 10.58 -9.01
C ILE A 618 25.03 9.54 -9.38
N THR A 619 24.59 8.36 -9.86
CA THR A 619 25.56 7.34 -10.21
C THR A 619 26.43 7.79 -11.38
N GLU A 620 25.85 8.48 -12.37
CA GLU A 620 26.66 9.01 -13.47
C GLU A 620 27.72 9.98 -12.95
N GLU A 621 27.31 10.91 -12.07
CA GLU A 621 28.30 11.88 -11.58
C GLU A 621 29.38 11.17 -10.77
N MET A 622 29.02 10.12 -10.02
CA MET A 622 30.06 9.42 -9.25
C MET A 622 31.02 8.69 -10.20
N LEU A 623 30.49 8.11 -11.26
CA LEU A 623 31.32 7.47 -12.27
C LEU A 623 32.29 8.48 -12.86
N LYS A 624 31.79 9.66 -13.23
CA LYS A 624 32.64 10.72 -13.74
C LYS A 624 33.63 11.23 -12.70
N ALA A 625 33.40 10.99 -11.41
CA ALA A 625 34.36 11.38 -10.38
C ALA A 625 35.32 10.25 -10.00
N GLY A 626 35.26 9.12 -10.71
CA GLY A 626 36.13 7.99 -10.45
C GLY A 626 35.92 7.35 -9.09
N LEU A 627 34.69 7.32 -8.59
CA LEU A 627 34.40 6.83 -7.25
C LEU A 627 33.81 5.43 -7.26
N LEU A 628 33.77 4.77 -8.42
CA LEU A 628 33.06 3.50 -8.55
C LEU A 628 33.96 2.37 -9.02
N ASP A 629 35.24 2.38 -8.64
CA ASP A 629 36.07 1.22 -8.91
C ASP A 629 35.62 0.01 -8.09
N ASP A 630 35.10 0.23 -6.87
CA ASP A 630 34.47 -0.83 -6.08
C ASP A 630 33.09 -0.35 -5.66
N PRO A 631 32.07 -0.62 -6.48
CA PRO A 631 30.78 0.08 -6.31
C PRO A 631 30.01 -0.29 -5.04
N LEU A 632 30.31 -1.39 -4.37
CA LEU A 632 29.64 -1.71 -3.12
C LEU A 632 30.47 -1.35 -1.89
N SER A 633 31.57 -0.60 -2.06
CA SER A 633 32.46 -0.27 -0.95
C SER A 633 31.80 0.72 0.00
N PRO A 634 32.27 0.77 1.26
CA PRO A 634 31.78 1.82 2.18
C PRO A 634 31.92 3.24 1.63
N LEU A 635 33.05 3.55 0.96
CA LEU A 635 33.24 4.86 0.38
C LEU A 635 32.15 5.15 -0.67
N ALA A 636 31.89 4.18 -1.54
CA ALA A 636 30.91 4.37 -2.60
C ALA A 636 29.52 4.64 -2.02
N PHE A 637 29.10 3.85 -1.04
CA PHE A 637 27.76 4.02 -0.47
C PHE A 637 27.63 5.34 0.26
N ALA A 638 28.63 5.71 1.07
CA ALA A 638 28.55 6.99 1.77
C ALA A 638 28.46 8.16 0.77
N GLU A 639 29.28 8.11 -0.29
CA GLU A 639 29.24 9.18 -1.27
C GLU A 639 27.89 9.23 -2.00
N TYR A 640 27.32 8.05 -2.32
CA TYR A 640 26.03 8.04 -3.00
C TYR A 640 24.95 8.69 -2.15
N PHE A 641 24.88 8.35 -0.85
CA PHE A 641 23.81 8.92 -0.04
C PHE A 641 24.03 10.42 0.22
N ARG A 642 25.28 10.85 0.41
CA ARG A 642 25.53 12.28 0.59
C ARG A 642 25.13 13.07 -0.67
N ARG A 643 25.48 12.58 -1.85
CA ARG A 643 25.12 13.31 -3.06
C ARG A 643 23.61 13.31 -3.29
N PHE A 644 22.96 12.16 -3.06
CA PHE A 644 21.52 12.06 -3.22
C PHE A 644 20.80 13.01 -2.28
N ASN A 645 21.22 13.05 -1.02
CA ASN A 645 20.60 13.93 -0.04
C ASN A 645 20.99 15.38 -0.28
N GLY A 646 21.98 15.65 -1.12
CA GLY A 646 22.23 17.03 -1.48
C GLY A 646 21.41 17.54 -2.64
N LYS A 647 20.50 16.75 -3.20
CA LYS A 647 19.90 17.04 -4.50
C LYS A 647 18.38 16.88 -4.48
N GLY A 648 17.71 17.74 -5.24
CA GLY A 648 16.27 17.61 -5.40
C GLY A 648 15.49 18.53 -4.47
N ASP A 649 14.31 18.94 -4.90
CA ASP A 649 13.41 19.77 -4.13
C ASP A 649 12.52 18.87 -3.28
N VAL A 650 12.65 18.99 -1.95
CA VAL A 650 12.01 18.00 -1.07
C VAL A 650 10.52 18.24 -0.85
N ASP A 651 9.99 19.44 -1.16
CA ASP A 651 8.55 19.63 -1.26
C ASP A 651 8.26 20.37 -2.56
N LYS A 652 8.30 19.63 -3.67
CA LYS A 652 8.16 20.26 -4.98
C LYS A 652 6.74 20.75 -5.21
N HIS A 653 5.75 20.12 -4.58
CA HIS A 653 4.37 20.43 -4.90
C HIS A 653 3.69 21.25 -3.80
N GLY A 654 4.44 21.80 -2.85
CA GLY A 654 3.87 22.71 -1.87
C GLY A 654 2.91 22.07 -0.87
N ILE A 655 3.08 20.78 -0.57
CA ILE A 655 2.16 20.10 0.34
C ILE A 655 2.13 20.78 1.70
N THR A 656 3.29 21.19 2.20
CA THR A 656 3.39 21.64 3.59
C THR A 656 2.51 22.86 3.85
N THR A 657 2.57 23.85 2.97
CA THR A 657 1.78 25.05 3.19
C THR A 657 0.32 24.88 2.75
N LEU A 658 0.04 23.94 1.84
CA LEU A 658 -1.34 23.58 1.59
C LEU A 658 -1.99 23.07 2.87
N LEU A 659 -1.29 22.21 3.61
CA LEU A 659 -1.94 21.57 4.74
C LEU A 659 -1.70 22.30 6.06
N THR A 660 -0.89 23.36 6.05
CA THR A 660 -0.69 24.14 7.27
C THR A 660 -1.92 24.99 7.52
N ALA A 661 -2.45 24.90 8.75
CA ALA A 661 -3.68 25.60 9.10
C ALA A 661 -3.46 27.10 9.28
N GLU A 662 -4.39 27.89 8.75
CA GLU A 662 -4.46 29.33 8.96
C GLU A 662 -5.64 29.67 9.83
N ALA A 663 -5.41 30.45 10.88
CA ALA A 663 -6.47 30.86 11.80
C ALA A 663 -6.61 32.37 11.81
N SER A 664 -7.80 32.82 12.18
CA SER A 664 -8.12 34.22 12.30
C SER A 664 -9.52 34.32 12.86
N ASN A 665 -9.86 35.49 13.38
CA ASN A 665 -11.19 35.70 13.95
C ASN A 665 -12.26 35.56 12.88
N GLU A 666 -11.97 36.02 11.66
CA GLU A 666 -12.93 35.92 10.58
C GLU A 666 -13.03 34.49 10.04
N ASN A 667 -11.92 33.78 9.91
CA ASN A 667 -11.90 32.42 9.36
C ASN A 667 -11.17 31.54 10.38
N PRO A 668 -11.92 30.98 11.32
CA PRO A 668 -11.27 30.35 12.49
C PRO A 668 -10.24 29.30 12.14
N LEU A 669 -10.43 28.53 11.07
CA LEU A 669 -9.56 27.39 10.82
C LEU A 669 -9.61 27.05 9.33
N ALA A 670 -8.53 27.34 8.60
CA ALA A 670 -8.49 27.16 7.16
C ALA A 670 -7.40 26.16 6.78
N ILE A 671 -7.78 25.03 6.18
CA ILE A 671 -6.84 24.02 5.69
C ILE A 671 -7.32 23.55 4.31
N LYS A 672 -6.38 23.30 3.41
CA LYS A 672 -6.74 22.86 2.06
C LYS A 672 -6.63 21.34 1.92
N PHE A 673 -7.47 20.60 2.66
CA PHE A 673 -7.48 19.13 2.59
C PHE A 673 -7.68 18.62 1.16
N ARG A 674 -8.72 19.14 0.49
CA ARG A 674 -9.10 18.62 -0.82
C ARG A 674 -8.00 18.84 -1.85
N THR A 675 -7.51 20.08 -1.93
CA THR A 675 -6.46 20.42 -2.90
C THR A 675 -5.18 19.65 -2.60
N ALA A 676 -4.82 19.52 -1.31
CA ALA A 676 -3.62 18.80 -0.94
C ALA A 676 -3.70 17.32 -1.35
N ALA A 677 -4.82 16.66 -1.05
CA ALA A 677 -5.00 15.27 -1.45
C ALA A 677 -4.84 15.09 -2.96
N GLU A 678 -5.48 15.97 -3.74
CA GLU A 678 -5.35 15.83 -5.20
C GLU A 678 -3.92 16.06 -5.66
N ARG A 679 -3.24 17.05 -5.08
CA ARG A 679 -1.84 17.29 -5.44
C ARG A 679 -0.95 16.11 -5.05
N PHE A 680 -1.22 15.48 -3.91
CA PHE A 680 -0.42 14.34 -3.50
C PHE A 680 -0.60 13.18 -4.48
N HIS A 681 -1.77 13.10 -5.12
CA HIS A 681 -1.99 12.07 -6.14
C HIS A 681 -0.90 12.01 -7.21
N LEU A 682 -0.11 13.07 -7.41
CA LEU A 682 1.01 12.98 -8.34
C LEU A 682 2.21 12.19 -7.82
N ILE A 683 2.14 11.55 -6.64
CA ILE A 683 3.29 10.78 -6.14
C ILE A 683 3.66 9.63 -7.06
N ASP A 684 2.73 9.19 -7.90
CA ASP A 684 2.95 8.12 -8.87
C ASP A 684 2.43 8.49 -10.25
N ASN A 685 2.46 9.79 -10.57
CA ASN A 685 2.09 10.28 -11.91
C ASN A 685 0.66 9.91 -12.27
N GLN A 686 -0.22 9.95 -11.27
CA GLN A 686 -1.65 9.66 -11.43
C GLN A 686 -1.88 8.25 -11.98
N GLY A 687 -1.44 7.26 -11.19
CA GLY A 687 -1.62 5.86 -11.57
C GLY A 687 -3.09 5.47 -11.58
N VAL A 688 -3.57 4.90 -12.69
CA VAL A 688 -4.93 4.39 -12.78
C VAL A 688 -4.91 2.88 -12.87
N ALA A 689 -5.72 2.23 -12.03
CA ALA A 689 -5.79 0.78 -11.97
C ALA A 689 -6.64 0.23 -13.11
N LEU A 690 -6.37 -1.01 -13.49
CA LEU A 690 -6.97 -1.60 -14.67
C LEU A 690 -6.96 -3.13 -14.51
N ILE A 691 -8.11 -3.74 -14.67
CA ILE A 691 -8.26 -5.16 -14.40
C ILE A 691 -8.04 -5.89 -15.70
N VAL A 692 -7.22 -6.93 -15.68
CA VAL A 692 -6.85 -7.67 -16.89
C VAL A 692 -7.28 -9.12 -16.74
N PRO A 693 -7.97 -9.68 -17.72
CA PRO A 693 -8.57 -11.04 -17.63
C PRO A 693 -7.58 -12.15 -17.97
N PHE A 694 -6.45 -12.16 -17.28
CA PHE A 694 -5.45 -13.19 -17.51
C PHE A 694 -5.95 -14.50 -16.89
N ILE A 695 -6.17 -15.52 -17.71
CA ILE A 695 -6.65 -16.82 -17.22
C ILE A 695 -5.54 -17.51 -16.43
N PRO A 696 -5.73 -17.78 -15.16
CA PRO A 696 -4.63 -18.31 -14.32
C PRO A 696 -4.46 -19.81 -14.47
N LEU A 697 -3.32 -20.30 -13.97
CA LEU A 697 -3.15 -21.73 -13.82
C LEU A 697 -3.97 -22.20 -12.63
N ALA A 698 -4.62 -23.36 -12.80
CA ALA A 698 -5.47 -23.92 -11.76
C ALA A 698 -5.26 -25.42 -11.71
N HIS A 699 -5.83 -26.04 -10.68
CA HIS A 699 -5.73 -27.47 -10.44
C HIS A 699 -7.10 -28.03 -10.09
N TRP A 700 -7.31 -29.30 -10.41
CA TRP A 700 -8.58 -29.98 -10.13
C TRP A 700 -8.48 -30.88 -8.90
N SER A 705 -14.43 -29.16 -10.20
CA SER A 705 -14.30 -27.82 -9.63
C SER A 705 -12.88 -27.28 -9.70
N PRO A 706 -12.63 -26.35 -10.62
CA PRO A 706 -11.29 -25.78 -10.77
C PRO A 706 -10.96 -24.78 -9.66
N GLN A 707 -9.79 -24.94 -9.08
CA GLN A 707 -9.29 -24.02 -8.08
C GLN A 707 -7.98 -23.39 -8.54
N ILE A 708 -7.94 -22.05 -8.58
CA ILE A 708 -6.71 -21.35 -8.94
C ILE A 708 -5.61 -21.65 -7.94
N VAL A 709 -4.38 -21.78 -8.45
CA VAL A 709 -3.23 -22.09 -7.60
C VAL A 709 -2.98 -20.93 -6.64
N GLU A 710 -2.80 -21.24 -5.35
CA GLU A 710 -2.45 -20.20 -4.38
C GLU A 710 -1.07 -19.61 -4.68
N ALA A 711 -0.90 -18.33 -4.35
CA ALA A 711 0.30 -17.64 -4.79
C ALA A 711 1.55 -18.21 -4.15
N ASN A 712 1.46 -18.70 -2.92
CA ASN A 712 2.64 -19.26 -2.29
C ASN A 712 2.76 -20.76 -2.52
N GLU A 713 1.96 -21.34 -3.41
CA GLU A 713 2.05 -22.76 -3.74
C GLU A 713 2.50 -23.01 -5.17
N LEU A 714 2.72 -21.94 -5.95
CA LEU A 714 3.08 -22.07 -7.35
C LEU A 714 4.32 -22.94 -7.53
N ASP A 715 5.36 -22.70 -6.72
CA ASP A 715 6.59 -23.47 -6.89
C ASP A 715 6.32 -24.95 -6.77
N ASP A 716 5.58 -25.36 -5.72
CA ASP A 716 5.29 -26.77 -5.57
C ASP A 716 4.52 -27.28 -6.78
N PHE A 717 3.54 -26.48 -7.24
CA PHE A 717 2.75 -26.81 -8.42
C PHE A 717 3.65 -27.08 -9.61
N PHE A 718 4.59 -26.15 -9.89
CA PHE A 718 5.44 -26.33 -11.06
C PHE A 718 6.33 -27.55 -10.90
N ARG A 719 6.72 -27.89 -9.68
CA ARG A 719 7.55 -29.06 -9.51
C ARG A 719 6.76 -30.32 -9.75
N ARG A 720 5.47 -30.32 -9.37
CA ARG A 720 4.69 -31.55 -9.49
C ARG A 720 4.39 -31.88 -10.93
N HIS A 721 4.13 -30.86 -11.74
CA HIS A 721 3.74 -31.09 -13.13
C HIS A 721 4.92 -31.14 -14.09
N LEU A 722 6.11 -30.68 -13.68
CA LEU A 722 7.23 -30.54 -14.61
C LEU A 722 8.46 -31.38 -14.28
N ASP A 723 8.68 -31.75 -13.03
CA ASP A 723 9.88 -32.53 -12.72
C ASP A 723 9.81 -33.87 -13.43
N GLY A 724 10.97 -34.31 -13.94
CA GLY A 724 11.00 -35.55 -14.69
C GLY A 724 10.41 -35.47 -16.09
N VAL A 725 10.11 -34.28 -16.60
CA VAL A 725 9.51 -34.09 -17.92
C VAL A 725 10.49 -33.29 -18.79
N GLU A 726 10.65 -33.72 -20.05
CA GLU A 726 11.47 -32.95 -20.97
C GLU A 726 10.92 -31.54 -21.16
N VAL A 727 11.84 -30.56 -21.22
CA VAL A 727 11.48 -29.15 -21.35
C VAL A 727 10.59 -28.93 -22.57
N SER A 728 10.84 -29.69 -23.64
CA SER A 728 10.09 -29.54 -24.89
C SER A 728 8.59 -29.76 -24.71
N GLU A 729 8.18 -30.46 -23.65
CA GLU A 729 6.78 -30.73 -23.33
C GLU A 729 6.18 -29.76 -22.31
N TRP A 730 7.02 -28.95 -21.64
CA TRP A 730 6.55 -28.19 -20.47
C TRP A 730 5.32 -27.37 -20.81
N GLN A 731 5.42 -26.57 -21.87
CA GLN A 731 4.36 -25.63 -22.20
C GLN A 731 3.03 -26.35 -22.35
N ASP A 732 3.03 -27.49 -23.03
CA ASP A 732 1.76 -28.18 -23.25
C ASP A 732 1.12 -28.59 -21.92
N ILE A 733 1.93 -29.15 -21.03
CA ILE A 733 1.43 -29.47 -19.69
C ILE A 733 0.84 -28.22 -19.06
N LEU A 734 1.59 -27.11 -19.12
CA LEU A 734 1.10 -25.89 -18.48
C LEU A 734 -0.20 -25.45 -19.13
N ASP A 735 -0.25 -25.53 -20.47
CA ASP A 735 -1.44 -25.03 -21.15
C ASP A 735 -2.65 -25.85 -20.75
N LYS A 736 -2.43 -27.12 -20.39
CA LYS A 736 -3.57 -27.96 -20.05
C LYS A 736 -4.16 -27.60 -18.71
N GLN A 737 -3.44 -26.83 -17.89
CA GLN A 737 -3.88 -26.52 -16.54
C GLN A 737 -4.48 -25.13 -16.41
N ARG A 738 -4.65 -24.41 -17.51
CA ARG A 738 -5.33 -23.12 -17.47
C ARG A 738 -6.77 -23.28 -17.00
N PHE A 739 -7.26 -22.27 -16.30
CA PHE A 739 -8.60 -22.31 -15.70
C PHE A 739 -9.62 -22.63 -16.78
N PRO A 740 -10.40 -23.69 -16.64
CA PRO A 740 -11.27 -24.13 -17.74
C PRO A 740 -12.42 -23.16 -17.98
N GLN A 741 -12.70 -22.96 -19.25
CA GLN A 741 -13.65 -22.02 -19.83
C GLN A 741 -14.98 -22.69 -20.12
N PRO A 742 -16.04 -21.93 -20.34
CA PRO A 742 -17.35 -22.54 -20.60
C PRO A 742 -17.46 -22.99 -22.04
N PRO A 743 -18.22 -24.07 -22.30
CA PRO A 743 -18.50 -24.59 -23.65
C PRO A 743 -19.31 -23.60 -24.48
N LEU A 755 -16.52 -12.20 -20.85
CA LEU A 755 -15.20 -12.31 -20.24
C LEU A 755 -14.88 -13.73 -19.84
N PRO A 756 -13.59 -14.12 -19.92
CA PRO A 756 -13.16 -15.47 -19.50
C PRO A 756 -13.62 -15.80 -18.08
N GLU A 757 -13.59 -17.09 -17.73
CA GLU A 757 -14.51 -17.59 -16.72
C GLU A 757 -14.35 -16.96 -15.34
N PRO A 758 -13.20 -17.17 -14.64
CA PRO A 758 -13.19 -16.77 -13.21
C PRO A 758 -13.65 -15.35 -13.09
N PHE A 759 -13.22 -14.52 -14.03
CA PHE A 759 -13.61 -13.12 -14.08
C PHE A 759 -15.12 -12.96 -14.27
N GLU A 760 -15.73 -13.75 -15.16
CA GLU A 760 -17.17 -13.58 -15.43
C GLU A 760 -18.00 -13.88 -14.19
N SER A 761 -17.72 -15.03 -13.55
CA SER A 761 -18.38 -15.32 -12.27
C SER A 761 -18.11 -14.21 -11.25
N TRP A 762 -16.87 -13.75 -11.17
CA TRP A 762 -16.51 -12.77 -10.16
C TRP A 762 -17.27 -11.46 -10.35
N PHE A 763 -17.34 -10.97 -11.59
CA PHE A 763 -18.02 -9.72 -11.85
C PHE A 763 -19.52 -9.87 -11.63
N GLY A 764 -20.10 -11.03 -11.97
CA GLY A 764 -21.50 -11.25 -11.66
C GLY A 764 -21.77 -11.25 -10.16
N LEU A 765 -20.83 -11.79 -9.38
CA LEU A 765 -20.93 -11.73 -7.92
C LEU A 765 -20.89 -10.29 -7.42
N LEU A 766 -20.03 -9.45 -8.01
CA LEU A 766 -20.00 -8.05 -7.63
C LEU A 766 -21.30 -7.35 -8.00
N GLU A 767 -21.87 -7.70 -9.15
CA GLU A 767 -23.10 -7.07 -9.62
C GLU A 767 -24.29 -7.44 -8.74
N SER A 768 -24.35 -8.68 -8.26
CA SER A 768 -25.48 -9.07 -7.43
C SER A 768 -25.42 -8.40 -6.04
N ASP A 769 -24.28 -8.49 -5.34
CA ASP A 769 -24.15 -7.91 -4.01
C ASP A 769 -22.69 -7.66 -3.66
N PRO A 770 -22.19 -6.45 -3.90
CA PRO A 770 -20.75 -6.19 -3.76
C PRO A 770 -20.25 -6.17 -2.33
N LEU A 771 -21.12 -6.08 -1.33
CA LEU A 771 -20.66 -6.10 0.06
C LEU A 771 -20.63 -7.52 0.61
N LYS A 772 -21.66 -8.30 0.30
CA LYS A 772 -21.65 -9.72 0.62
C LYS A 772 -20.47 -10.41 -0.03
N HIS A 773 -20.23 -10.12 -1.30
CA HIS A 773 -19.11 -10.70 -2.04
C HIS A 773 -17.97 -9.71 -2.21
N LYS A 774 -17.71 -8.88 -1.19
CA LYS A 774 -16.61 -7.94 -1.29
C LYS A 774 -15.26 -8.63 -1.38
N TRP A 775 -15.20 -9.91 -0.99
CA TRP A 775 -13.95 -10.65 -1.12
C TRP A 775 -13.46 -10.70 -2.57
N VAL A 776 -14.38 -10.57 -3.53
CA VAL A 776 -13.97 -10.56 -4.93
C VAL A 776 -13.01 -9.43 -5.20
N TYR A 777 -13.26 -8.26 -4.58
CA TYR A 777 -12.37 -7.12 -4.74
C TYR A 777 -10.93 -7.53 -4.44
N ARG A 778 -10.73 -8.25 -3.34
CA ARG A 778 -9.37 -8.67 -2.99
C ARG A 778 -8.79 -9.60 -4.06
N LYS A 779 -9.60 -10.51 -4.59
CA LYS A 779 -9.12 -11.38 -5.66
C LYS A 779 -8.69 -10.57 -6.87
N LEU A 780 -9.48 -9.55 -7.24
CA LEU A 780 -9.15 -8.82 -8.45
C LEU A 780 -7.83 -8.10 -8.31
N GLN A 781 -7.36 -7.97 -7.06
CA GLN A 781 -6.10 -7.27 -6.81
C GLN A 781 -4.94 -7.99 -7.47
N ARG A 782 -5.05 -9.31 -7.68
CA ARG A 782 -3.98 -10.07 -8.32
C ARG A 782 -4.00 -9.94 -9.84
N TYR A 783 -5.08 -9.37 -10.40
CA TYR A 783 -5.28 -9.25 -11.85
C TYR A 783 -5.37 -7.80 -12.30
N THR A 784 -4.69 -6.91 -11.57
CA THR A 784 -4.68 -5.49 -11.87
C THR A 784 -3.28 -5.09 -12.29
N ILE A 785 -3.21 -4.23 -13.30
CA ILE A 785 -2.01 -3.45 -13.58
C ILE A 785 -2.40 -1.98 -13.48
N THR A 786 -1.40 -1.13 -13.32
CA THR A 786 -1.62 0.30 -13.35
C THR A 786 -1.02 0.87 -14.63
N VAL A 787 -1.76 1.78 -15.25
CA VAL A 787 -1.25 2.51 -16.40
C VAL A 787 -1.33 4.01 -16.12
N TYR A 788 -0.87 4.81 -17.09
CA TYR A 788 -0.82 6.25 -16.95
C TYR A 788 -2.09 6.85 -17.55
N GLU A 789 -2.72 7.76 -16.79
CA GLU A 789 -3.92 8.44 -17.26
C GLU A 789 -3.78 8.97 -18.69
N HIS A 790 -2.54 9.24 -19.12
CA HIS A 790 -2.28 9.73 -20.48
C HIS A 790 -2.81 8.76 -21.54
N GLU A 791 -2.38 7.51 -21.47
CA GLU A 791 -2.88 6.54 -22.44
C GLU A 791 -4.02 5.76 -21.79
N LEU A 795 -5.08 4.87 -28.14
CA LEU A 795 -6.14 4.88 -27.14
C LEU A 795 -7.48 4.40 -27.71
N PRO A 796 -7.56 3.14 -28.15
CA PRO A 796 -8.74 2.69 -28.89
C PRO A 796 -10.02 2.71 -28.05
N GLU A 797 -11.16 2.64 -28.75
CA GLU A 797 -12.46 2.97 -28.17
C GLU A 797 -12.98 1.87 -27.24
N HIS A 798 -13.10 0.65 -27.76
CA HIS A 798 -13.58 -0.46 -26.95
C HIS A 798 -12.44 -1.25 -26.33
N ALA A 799 -11.22 -0.72 -26.38
CA ALA A 799 -10.09 -1.35 -25.73
C ALA A 799 -10.33 -1.49 -24.23
N VAL A 800 -10.91 -0.47 -23.62
CA VAL A 800 -11.20 -0.47 -22.19
C VAL A 800 -12.68 -0.25 -22.02
N PHE A 801 -13.31 -1.09 -21.20
CA PHE A 801 -14.71 -0.88 -20.85
C PHE A 801 -14.86 -0.89 -19.33
N SER A 802 -16.08 -0.61 -18.91
CA SER A 802 -16.44 -0.55 -17.50
C SER A 802 -17.30 -1.76 -17.17
N ARG A 803 -17.21 -2.22 -15.93
CA ARG A 803 -17.99 -3.36 -15.49
C ARG A 803 -17.95 -3.44 -13.97
N ALA A 804 -19.12 -3.55 -13.35
CA ALA A 804 -19.25 -3.52 -11.89
C ALA A 804 -18.64 -2.27 -11.30
N GLY A 805 -18.65 -1.17 -12.07
CA GLY A 805 -18.02 0.06 -11.65
C GLY A 805 -16.50 0.09 -11.77
N LEU A 806 -15.86 -0.97 -12.25
CA LEU A 806 -14.42 -1.07 -12.36
C LEU A 806 -13.99 -1.07 -13.83
N LEU A 807 -12.81 -0.55 -14.08
CA LEU A 807 -12.27 -0.50 -15.43
C LEU A 807 -11.60 -1.83 -15.75
N VAL A 808 -11.81 -2.32 -16.98
CA VAL A 808 -11.34 -3.61 -17.44
C VAL A 808 -10.78 -3.46 -18.85
N LEU A 809 -9.71 -4.19 -19.15
CA LEU A 809 -9.14 -4.25 -20.49
C LEU A 809 -9.65 -5.49 -21.22
N ASP A 810 -10.04 -5.29 -22.48
CA ASP A 810 -10.47 -6.42 -23.30
C ASP A 810 -9.30 -7.36 -23.58
N LYS A 811 -9.59 -8.66 -23.57
CA LYS A 811 -8.54 -9.69 -23.62
C LYS A 811 -7.64 -9.56 -24.84
N GLY A 812 -8.15 -8.96 -25.92
CA GLY A 812 -7.36 -8.84 -27.12
C GLY A 812 -6.14 -7.97 -26.95
N TYR A 813 -6.10 -7.16 -25.90
CA TYR A 813 -5.05 -6.17 -25.69
C TYR A 813 -4.04 -6.60 -24.64
N TYR A 814 -4.05 -7.86 -24.23
CA TYR A 814 -3.17 -8.36 -23.19
C TYR A 814 -2.58 -9.67 -23.69
N LYS A 815 -1.27 -9.68 -23.93
CA LYS A 815 -0.64 -10.79 -24.59
C LYS A 815 0.09 -11.69 -23.60
N ALA A 816 0.25 -12.96 -23.99
CA ALA A 816 0.75 -13.98 -23.09
C ALA A 816 2.18 -13.71 -22.61
N VAL A 817 2.99 -13.03 -23.43
CA VAL A 817 4.38 -12.82 -23.09
C VAL A 817 4.61 -11.43 -22.52
N LEU A 818 4.04 -10.40 -23.15
CA LEU A 818 4.31 -9.02 -22.77
C LEU A 818 3.24 -8.40 -21.87
N GLY A 819 2.09 -9.04 -21.70
CA GLY A 819 0.98 -8.36 -21.06
C GLY A 819 0.44 -7.24 -21.93
N ALA A 820 0.08 -6.13 -21.31
CA ALA A 820 -0.48 -5.01 -22.05
C ALA A 820 0.64 -4.18 -22.69
N ASP A 821 0.28 -3.02 -23.25
CA ASP A 821 1.26 -2.17 -23.95
C ASP A 821 1.20 -0.73 -23.48
FE FE B . -24.36 10.55 6.41
FE FE C . -24.14 7.43 9.61
#